data_3EZ6
#
_entry.id   3EZ6
#
_cell.length_a   143.300
_cell.length_b   143.300
_cell.length_c   108.000
_cell.angle_alpha   90.00
_cell.angle_beta   90.00
_cell.angle_gamma   90.00
#
_symmetry.space_group_name_H-M   'P 41 21 2'
#
loop_
_entity.id
_entity.type
_entity.pdbx_description
1 polymer 'Plasmid partition protein A'
2 non-polymer "ADENOSINE-5'-DIPHOSPHATE"
3 non-polymer 'MAGNESIUM ION'
4 water water
#
_entity_poly.entity_id   1
_entity_poly.type   'polypeptide(L)'
_entity_poly.pdbx_seq_one_letter_code
;MSDSSQLHKVAQRANRMLNVLTEQVQLQKDELHANEFYQVYAKAALAKLPLLTRANVDYAVSEMEEKGYVFDKRPAGSSM
KYAMSIQNIIDIYEHRGVPKYRDRYSEAYVIFISNLKGGVSKTVSTVSLAHAMRAHPHLLMEDLRILVIDLDPQSSATMF
LSHKHSIGIVNATSAQAMLQNVSREELLEEFIVPSVVPGVDVMPASIDDAFIASDWRELCNEHLPGQNIHAVLKENVIDK
LKSDYDFILVDSGPHLDAFLKNALASANILFTPLPPATVDFHSSLKYVARLPELVKLISDEGCECQLATNIGFMSKLSNK
ADHKYCHSLAKEVFGGDMLDVFLPRLDGFERCGESFDTVISANPATYVGSADALKNARIAAEDFAKAVFDRIEFIRSN
;
_entity_poly.pdbx_strand_id   A,B
#
loop_
_chem_comp.id
_chem_comp.type
_chem_comp.name
_chem_comp.formula
ADP non-polymer ADENOSINE-5'-DIPHOSPHATE 'C10 H15 N5 O10 P2'
MG non-polymer 'MAGNESIUM ION' 'Mg 2'
#
# COMPACT_ATOMS: atom_id res chain seq x y z
N SER A 5 4.58 24.27 20.08
CA SER A 5 3.23 23.82 20.54
C SER A 5 2.16 24.13 19.52
N GLN A 6 2.55 24.26 18.26
CA GLN A 6 1.57 24.52 17.21
C GLN A 6 0.86 23.24 16.83
N LEU A 7 1.44 22.10 17.22
CA LEU A 7 0.85 20.80 16.94
C LEU A 7 -0.30 20.59 17.90
N HIS A 8 -0.05 20.84 19.18
CA HIS A 8 -1.09 20.69 20.21
C HIS A 8 -2.34 21.41 19.76
N LYS A 9 -2.15 22.60 19.22
CA LYS A 9 -3.25 23.45 18.76
C LYS A 9 -4.04 22.78 17.64
N VAL A 10 -3.35 22.51 16.52
CA VAL A 10 -3.99 21.87 15.40
C VAL A 10 -4.55 20.50 15.78
N ALA A 11 -3.81 19.76 16.60
CA ALA A 11 -4.24 18.43 17.04
C ALA A 11 -5.57 18.47 17.78
N GLN A 12 -5.81 19.56 18.51
CA GLN A 12 -7.06 19.68 19.24
C GLN A 12 -8.20 19.99 18.28
N ARG A 13 -7.94 20.88 17.34
CA ARG A 13 -8.97 21.23 16.36
C ARG A 13 -9.44 19.98 15.64
N ALA A 14 -8.48 19.11 15.31
CA ALA A 14 -8.77 17.85 14.61
C ALA A 14 -9.53 16.88 15.51
N ASN A 15 -9.40 17.09 16.81
CA ASN A 15 -10.07 16.24 17.77
C ASN A 15 -11.55 16.57 17.82
N ARG A 16 -11.89 17.85 17.89
CA ARG A 16 -13.28 18.25 17.90
C ARG A 16 -13.93 17.79 16.59
N MET A 17 -13.13 17.79 15.53
CA MET A 17 -13.57 17.36 14.20
C MET A 17 -13.95 15.88 14.15
N LEU A 18 -13.12 15.06 14.78
CA LEU A 18 -13.37 13.63 14.82
C LEU A 18 -14.67 13.35 15.55
N ASN A 19 -14.77 13.84 16.78
CA ASN A 19 -15.97 13.66 17.58
C ASN A 19 -17.21 14.07 16.80
N VAL A 20 -17.05 15.05 15.91
CA VAL A 20 -18.13 15.53 15.07
C VAL A 20 -18.42 14.56 13.94
N LEU A 21 -17.37 14.20 13.21
CA LEU A 21 -17.49 13.29 12.09
C LEU A 21 -17.91 11.89 12.52
N THR A 22 -17.53 11.51 13.74
CA THR A 22 -17.89 10.21 14.26
C THR A 22 -19.40 10.11 14.48
N GLU A 23 -20.01 11.21 14.90
CA GLU A 23 -21.46 11.22 15.11
C GLU A 23 -22.20 11.33 13.79
N GLN A 24 -21.45 11.28 12.69
CA GLN A 24 -22.02 11.36 11.37
C GLN A 24 -22.37 9.94 10.93
N VAL A 25 -21.34 9.10 10.86
CA VAL A 25 -21.48 7.70 10.44
C VAL A 25 -22.44 6.91 11.35
N GLN A 26 -22.47 7.27 12.62
CA GLN A 26 -23.35 6.61 13.58
C GLN A 26 -24.80 6.90 13.24
N LEU A 27 -25.11 8.18 13.01
CA LEU A 27 -26.47 8.58 12.68
C LEU A 27 -26.95 8.11 11.31
N GLN A 28 -26.03 7.60 10.49
CA GLN A 28 -26.39 7.12 9.16
C GLN A 28 -27.12 5.78 9.23
N LYS A 29 -26.46 4.80 9.84
CA LYS A 29 -27.01 3.46 9.99
C LYS A 29 -28.31 3.46 10.80
N GLU A 36 -30.30 -7.68 0.71
CA GLU A 36 -29.48 -6.78 -0.08
C GLU A 36 -28.63 -7.46 -1.17
N PHE A 37 -28.24 -8.72 -0.95
CA PHE A 37 -27.43 -9.43 -1.96
C PHE A 37 -28.28 -9.65 -3.20
N TYR A 38 -27.86 -9.04 -4.30
CA TYR A 38 -28.60 -9.10 -5.54
C TYR A 38 -28.91 -10.49 -6.11
N GLN A 39 -27.91 -11.37 -6.09
CA GLN A 39 -28.05 -12.71 -6.65
C GLN A 39 -29.29 -13.52 -6.30
N VAL A 40 -30.12 -13.78 -7.32
CA VAL A 40 -31.31 -14.60 -7.20
C VAL A 40 -31.33 -15.53 -8.41
N TYR A 41 -31.84 -16.74 -8.23
CA TYR A 41 -31.87 -17.69 -9.32
C TYR A 41 -33.28 -18.03 -9.71
N ALA A 42 -33.49 -18.19 -11.01
CA ALA A 42 -34.80 -18.59 -11.52
C ALA A 42 -34.80 -20.11 -11.23
N LYS A 43 -35.95 -20.65 -10.85
CA LYS A 43 -36.10 -22.07 -10.57
C LYS A 43 -35.40 -22.94 -11.61
N ALA A 44 -35.62 -22.63 -12.89
CA ALA A 44 -35.02 -23.39 -13.99
C ALA A 44 -33.49 -23.31 -13.98
N ALA A 45 -32.95 -22.22 -13.45
CA ALA A 45 -31.51 -22.05 -13.38
C ALA A 45 -30.83 -23.03 -12.43
N LEU A 46 -31.56 -23.57 -11.45
CA LEU A 46 -30.94 -24.49 -10.50
C LEU A 46 -30.44 -25.76 -11.17
N ALA A 47 -31.03 -26.11 -12.31
CA ALA A 47 -30.64 -27.34 -12.99
C ALA A 47 -29.18 -27.35 -13.42
N LYS A 48 -28.57 -26.18 -13.59
CA LYS A 48 -27.17 -26.16 -13.98
C LYS A 48 -26.25 -26.41 -12.78
N LEU A 49 -26.83 -26.45 -11.58
CA LEU A 49 -26.02 -26.69 -10.40
C LEU A 49 -25.82 -28.19 -10.24
N PRO A 50 -24.63 -28.60 -9.77
CA PRO A 50 -24.28 -30.02 -9.57
C PRO A 50 -25.31 -30.76 -8.70
N LEU A 51 -25.57 -32.02 -9.06
CA LEU A 51 -26.51 -32.86 -8.34
C LEU A 51 -27.96 -32.45 -8.51
N LEU A 52 -28.21 -31.31 -9.11
CA LEU A 52 -29.61 -30.91 -9.30
C LEU A 52 -30.04 -31.04 -10.74
N THR A 53 -31.28 -31.47 -10.96
CA THR A 53 -31.85 -31.59 -12.30
C THR A 53 -33.19 -30.86 -12.30
N ARG A 54 -33.66 -30.55 -13.49
CA ARG A 54 -34.93 -29.86 -13.67
C ARG A 54 -36.00 -30.64 -12.90
N ALA A 55 -35.97 -31.97 -13.02
CA ALA A 55 -36.98 -32.79 -12.36
C ALA A 55 -36.88 -32.86 -10.85
N ASN A 56 -35.67 -33.09 -10.32
CA ASN A 56 -35.56 -33.21 -8.87
C ASN A 56 -35.73 -31.90 -8.12
N VAL A 57 -35.56 -30.77 -8.82
CA VAL A 57 -35.78 -29.46 -8.19
C VAL A 57 -37.32 -29.29 -8.11
N ASP A 58 -38.00 -29.70 -9.18
CA ASP A 58 -39.44 -29.65 -9.20
C ASP A 58 -40.03 -30.51 -8.07
N TYR A 59 -39.54 -31.72 -7.86
CA TYR A 59 -40.06 -32.51 -6.74
C TYR A 59 -39.74 -31.87 -5.39
N ALA A 60 -38.51 -31.39 -5.22
CA ALA A 60 -38.14 -30.79 -3.94
C ALA A 60 -39.03 -29.58 -3.60
N VAL A 61 -39.08 -28.60 -4.50
CA VAL A 61 -39.88 -27.39 -4.32
C VAL A 61 -41.35 -27.74 -4.01
N SER A 62 -41.86 -28.71 -4.77
CA SER A 62 -43.23 -29.16 -4.64
C SER A 62 -43.51 -29.78 -3.27
N GLU A 63 -42.63 -30.69 -2.86
CA GLU A 63 -42.75 -31.39 -1.60
C GLU A 63 -42.54 -30.47 -0.40
N MET A 64 -41.59 -29.55 -0.53
CA MET A 64 -41.32 -28.63 0.57
C MET A 64 -42.47 -27.67 0.77
N GLU A 65 -43.01 -27.15 -0.34
CA GLU A 65 -44.14 -26.22 -0.27
C GLU A 65 -45.32 -26.86 0.45
N GLU A 66 -45.71 -28.05 0.01
CA GLU A 66 -46.82 -28.76 0.65
C GLU A 66 -46.63 -28.85 2.16
N LYS A 67 -45.38 -28.76 2.62
CA LYS A 67 -45.04 -28.85 4.04
C LYS A 67 -44.92 -27.49 4.72
N GLY A 68 -45.33 -26.43 4.04
CA GLY A 68 -45.26 -25.10 4.66
C GLY A 68 -44.09 -24.22 4.28
N TYR A 69 -43.24 -24.67 3.35
CA TYR A 69 -42.11 -23.83 2.95
C TYR A 69 -42.61 -22.80 1.94
N VAL A 70 -42.07 -21.59 2.04
CA VAL A 70 -42.43 -20.51 1.12
C VAL A 70 -41.16 -19.97 0.50
N PHE A 71 -41.07 -20.06 -0.82
CA PHE A 71 -39.91 -19.58 -1.56
C PHE A 71 -40.07 -18.13 -1.95
N ASP A 72 -38.94 -17.46 -2.18
CA ASP A 72 -38.96 -16.05 -2.57
C ASP A 72 -39.48 -15.98 -4.00
N LYS A 73 -40.33 -15.00 -4.25
CA LYS A 73 -40.86 -14.84 -5.59
C LYS A 73 -40.94 -13.36 -5.96
N ARG A 74 -40.97 -13.07 -7.25
CA ARG A 74 -41.08 -11.70 -7.72
C ARG A 74 -41.66 -11.72 -9.12
N PRO A 75 -42.73 -10.94 -9.34
CA PRO A 75 -43.41 -10.84 -10.65
C PRO A 75 -42.53 -10.25 -11.76
N ALA A 76 -42.61 -10.83 -12.96
CA ALA A 76 -41.83 -10.35 -14.09
C ALA A 76 -42.74 -9.79 -15.18
N GLY A 77 -43.73 -9.01 -14.75
CA GLY A 77 -44.68 -8.41 -15.68
C GLY A 77 -46.11 -8.47 -15.15
N SER A 78 -46.59 -9.67 -14.88
CA SER A 78 -47.94 -9.87 -14.35
C SER A 78 -47.96 -11.07 -13.42
N SER A 79 -47.53 -12.22 -13.93
CA SER A 79 -47.48 -13.45 -13.17
C SER A 79 -46.40 -13.34 -12.10
N MET A 80 -46.25 -14.36 -11.27
CA MET A 80 -45.24 -14.34 -10.22
C MET A 80 -44.37 -15.59 -10.22
N LYS A 81 -43.15 -15.45 -10.73
CA LYS A 81 -42.19 -16.57 -10.81
C LYS A 81 -41.41 -16.74 -9.51
N TYR A 82 -40.47 -17.67 -9.54
CA TYR A 82 -39.61 -17.93 -8.41
C TYR A 82 -38.34 -17.09 -8.55
N ALA A 83 -37.88 -16.58 -7.42
CA ALA A 83 -36.68 -15.76 -7.34
C ALA A 83 -35.86 -16.40 -6.19
N MET A 84 -35.35 -17.61 -6.45
CA MET A 84 -34.63 -18.36 -5.43
C MET A 84 -33.40 -17.68 -4.87
N SER A 85 -33.35 -17.59 -3.55
CA SER A 85 -32.20 -17.02 -2.87
C SER A 85 -31.24 -18.17 -2.62
N ILE A 86 -30.03 -17.84 -2.21
CA ILE A 86 -29.02 -18.86 -1.89
C ILE A 86 -29.57 -19.82 -0.82
N GLN A 87 -30.26 -19.29 0.19
CA GLN A 87 -30.83 -20.11 1.27
C GLN A 87 -31.81 -21.14 0.71
N ASN A 88 -32.69 -20.70 -0.19
CA ASN A 88 -33.69 -21.61 -0.77
C ASN A 88 -32.96 -22.79 -1.38
N ILE A 89 -31.96 -22.49 -2.21
CA ILE A 89 -31.17 -23.50 -2.87
C ILE A 89 -30.52 -24.45 -1.84
N ILE A 90 -29.89 -23.88 -0.84
CA ILE A 90 -29.25 -24.65 0.22
C ILE A 90 -30.26 -25.55 0.93
N ASP A 91 -31.46 -25.04 1.13
CA ASP A 91 -32.49 -25.83 1.78
C ASP A 91 -32.99 -26.96 0.88
N ILE A 92 -33.00 -26.73 -0.43
CA ILE A 92 -33.42 -27.73 -1.37
C ILE A 92 -32.43 -28.90 -1.33
N TYR A 93 -31.14 -28.56 -1.27
CA TYR A 93 -30.10 -29.58 -1.21
C TYR A 93 -30.23 -30.35 0.10
N GLU A 94 -30.56 -29.64 1.17
CA GLU A 94 -30.71 -30.30 2.46
C GLU A 94 -31.91 -31.24 2.39
N HIS A 95 -32.97 -30.78 1.73
CA HIS A 95 -34.17 -31.59 1.58
C HIS A 95 -33.86 -32.85 0.77
N ARG A 96 -32.87 -32.76 -0.12
CA ARG A 96 -32.50 -33.91 -0.94
C ARG A 96 -31.37 -34.76 -0.32
N GLY A 97 -31.15 -34.60 0.98
CA GLY A 97 -30.14 -35.40 1.66
C GLY A 97 -28.69 -35.19 1.29
N VAL A 98 -28.34 -34.01 0.76
CA VAL A 98 -26.96 -33.71 0.42
C VAL A 98 -26.29 -33.10 1.64
N PRO A 99 -25.31 -33.79 2.20
CA PRO A 99 -24.65 -33.22 3.39
C PRO A 99 -23.87 -31.92 3.16
N LYS A 100 -23.78 -31.14 4.23
CA LYS A 100 -23.10 -29.85 4.27
C LYS A 100 -21.63 -30.03 4.63
N TYR A 101 -20.81 -29.03 4.34
CA TYR A 101 -19.39 -29.12 4.63
C TYR A 101 -19.16 -29.47 6.11
N ARG A 102 -19.91 -28.82 7.00
CA ARG A 102 -19.80 -29.08 8.43
C ARG A 102 -20.14 -30.53 8.81
N ASP A 103 -20.68 -31.32 7.88
CA ASP A 103 -21.00 -32.70 8.22
C ASP A 103 -19.77 -33.62 8.12
N ARG A 104 -18.70 -33.14 7.48
CA ARG A 104 -17.48 -33.96 7.38
C ARG A 104 -16.31 -33.30 8.13
N TYR A 105 -16.34 -31.99 8.32
CA TYR A 105 -15.30 -31.27 9.08
C TYR A 105 -15.94 -30.57 10.27
N SER A 106 -15.37 -30.84 11.43
CA SER A 106 -15.89 -30.34 12.69
C SER A 106 -15.31 -29.02 13.21
N GLU A 107 -14.10 -28.69 12.81
CA GLU A 107 -13.42 -27.48 13.26
C GLU A 107 -13.11 -26.58 12.08
N ALA A 108 -13.18 -25.28 12.33
CA ALA A 108 -12.90 -24.30 11.29
C ALA A 108 -11.46 -24.42 10.84
N TYR A 109 -11.25 -24.19 9.55
CA TYR A 109 -9.92 -24.24 8.95
C TYR A 109 -9.50 -22.79 8.76
N VAL A 110 -8.28 -22.46 9.17
CA VAL A 110 -7.82 -21.07 9.05
C VAL A 110 -6.92 -20.84 7.85
N ILE A 111 -7.36 -19.94 6.98
CA ILE A 111 -6.62 -19.59 5.77
C ILE A 111 -5.94 -18.26 5.94
N PHE A 112 -4.67 -18.19 5.52
CA PHE A 112 -3.92 -16.95 5.58
C PHE A 112 -3.18 -16.63 4.28
N ILE A 113 -3.72 -15.69 3.52
CA ILE A 113 -3.11 -15.25 2.26
C ILE A 113 -2.10 -14.17 2.65
N SER A 114 -0.82 -14.51 2.61
CA SER A 114 0.22 -13.61 3.04
C SER A 114 1.39 -13.37 2.09
N ASN A 115 2.01 -12.20 2.24
CA ASN A 115 3.17 -11.81 1.47
C ASN A 115 3.65 -10.49 2.06
N LEU A 116 4.92 -10.44 2.48
CA LEU A 116 5.50 -9.23 3.04
C LEU A 116 5.50 -8.08 2.02
N LYS A 117 5.43 -8.41 0.73
CA LYS A 117 5.40 -7.38 -0.31
C LYS A 117 3.95 -6.97 -0.53
N GLY A 118 3.71 -5.66 -0.52
CA GLY A 118 2.36 -5.15 -0.71
C GLY A 118 2.00 -5.01 -2.16
N GLY A 119 0.74 -4.63 -2.43
CA GLY A 119 0.26 -4.45 -3.79
C GLY A 119 0.07 -5.72 -4.59
N VAL A 120 0.38 -6.87 -4.00
CA VAL A 120 0.26 -8.16 -4.69
C VAL A 120 -1.15 -8.75 -4.71
N SER A 121 -2.13 -8.01 -4.20
CA SER A 121 -3.52 -8.48 -4.21
C SER A 121 -3.93 -9.38 -3.02
N LYS A 122 -3.35 -9.15 -1.86
CA LYS A 122 -3.67 -9.94 -0.66
C LYS A 122 -5.12 -9.70 -0.19
N THR A 123 -5.50 -8.44 -0.02
CA THR A 123 -6.85 -8.13 0.41
C THR A 123 -7.90 -8.55 -0.62
N VAL A 124 -7.74 -8.09 -1.86
CA VAL A 124 -8.70 -8.44 -2.91
C VAL A 124 -8.81 -9.94 -3.06
N SER A 125 -7.69 -10.63 -3.06
CA SER A 125 -7.79 -12.07 -3.21
C SER A 125 -8.46 -12.67 -1.96
N THR A 126 -8.24 -12.08 -0.80
CA THR A 126 -8.88 -12.58 0.42
C THR A 126 -10.41 -12.37 0.44
N VAL A 127 -10.89 -11.17 0.14
CA VAL A 127 -12.34 -10.98 0.19
C VAL A 127 -13.02 -11.69 -0.98
N SER A 128 -12.31 -11.79 -2.12
CA SER A 128 -12.85 -12.49 -3.29
C SER A 128 -13.06 -13.96 -2.97
N LEU A 129 -12.05 -14.55 -2.33
CA LEU A 129 -12.10 -15.95 -1.93
C LEU A 129 -13.25 -16.17 -0.95
N ALA A 130 -13.46 -15.23 -0.02
CA ALA A 130 -14.54 -15.38 0.96
C ALA A 130 -15.93 -15.36 0.30
N HIS A 131 -16.19 -14.36 -0.53
CA HIS A 131 -17.47 -14.27 -1.20
C HIS A 131 -17.68 -15.35 -2.25
N ALA A 132 -16.66 -15.56 -3.10
CA ALA A 132 -16.74 -16.56 -4.16
C ALA A 132 -16.90 -17.98 -3.66
N MET A 133 -16.36 -18.30 -2.48
CA MET A 133 -16.50 -19.65 -1.94
C MET A 133 -17.93 -19.85 -1.44
N ARG A 134 -18.48 -18.83 -0.80
CA ARG A 134 -19.83 -18.92 -0.29
C ARG A 134 -20.83 -19.05 -1.41
N ALA A 135 -20.76 -18.09 -2.33
CA ALA A 135 -21.67 -18.03 -3.45
C ALA A 135 -21.28 -18.81 -4.72
N HIS A 136 -20.34 -19.73 -4.61
CA HIS A 136 -19.96 -20.50 -5.80
C HIS A 136 -21.06 -21.49 -6.15
N PRO A 137 -21.55 -21.45 -7.39
CA PRO A 137 -22.61 -22.32 -7.91
C PRO A 137 -22.39 -23.78 -7.54
N HIS A 138 -21.13 -24.19 -7.55
CA HIS A 138 -20.76 -25.56 -7.22
C HIS A 138 -20.47 -25.81 -5.74
N LEU A 139 -20.51 -24.77 -4.91
CA LEU A 139 -20.22 -24.91 -3.48
C LEU A 139 -21.43 -24.56 -2.60
N LEU A 140 -22.55 -24.18 -3.20
CA LEU A 140 -23.73 -23.85 -2.42
C LEU A 140 -24.18 -25.03 -1.52
N MET A 141 -24.10 -26.25 -2.03
CA MET A 141 -24.47 -27.46 -1.28
C MET A 141 -23.61 -27.63 -0.02
N GLU A 142 -22.48 -26.94 -0.03
CA GLU A 142 -21.53 -26.98 1.07
C GLU A 142 -22.01 -26.14 2.25
N ASP A 143 -22.94 -25.23 1.98
CA ASP A 143 -23.51 -24.31 2.97
C ASP A 143 -22.41 -23.82 3.90
N LEU A 144 -21.43 -23.15 3.31
CA LEU A 144 -20.29 -22.65 4.06
C LEU A 144 -20.52 -21.39 4.87
N ARG A 145 -19.87 -21.36 6.03
CA ARG A 145 -19.90 -20.24 6.97
C ARG A 145 -18.47 -19.69 6.96
N ILE A 146 -18.29 -18.46 6.49
CA ILE A 146 -16.96 -17.85 6.37
C ILE A 146 -16.76 -16.57 7.21
N LEU A 147 -15.61 -16.49 7.88
CA LEU A 147 -15.27 -15.31 8.68
C LEU A 147 -13.96 -14.69 8.21
N VAL A 148 -13.98 -13.40 7.92
CA VAL A 148 -12.76 -12.69 7.53
C VAL A 148 -12.38 -11.80 8.69
N ILE A 149 -11.21 -12.06 9.26
CA ILE A 149 -10.69 -11.28 10.37
C ILE A 149 -9.69 -10.24 9.82
N ASP A 150 -10.08 -8.96 9.88
CA ASP A 150 -9.26 -7.88 9.37
C ASP A 150 -8.31 -7.42 10.46
N LEU A 151 -7.02 -7.60 10.20
CA LEU A 151 -5.98 -7.23 11.15
C LEU A 151 -5.03 -6.19 10.55
N ASP A 152 -5.49 -5.50 9.51
CA ASP A 152 -4.70 -4.46 8.88
C ASP A 152 -5.31 -3.13 9.27
N PRO A 153 -4.55 -2.27 9.97
CA PRO A 153 -5.14 -0.99 10.34
C PRO A 153 -5.62 -0.20 9.12
N GLN A 154 -5.00 -0.41 7.96
CA GLN A 154 -5.48 0.29 6.76
C GLN A 154 -6.93 -0.11 6.45
N SER A 155 -7.36 -1.24 7.02
CA SER A 155 -8.72 -1.79 6.90
C SER A 155 -9.38 -1.97 5.53
N SER A 156 -8.61 -2.40 4.54
CA SER A 156 -9.12 -2.61 3.17
C SER A 156 -10.20 -3.69 3.13
N ALA A 157 -9.94 -4.81 3.81
CA ALA A 157 -10.88 -5.92 3.86
C ALA A 157 -12.22 -5.47 4.44
N THR A 158 -12.16 -4.70 5.53
CA THR A 158 -13.35 -4.19 6.20
C THR A 158 -14.19 -3.37 5.23
N MET A 159 -13.54 -2.47 4.52
CA MET A 159 -14.27 -1.62 3.55
C MET A 159 -14.89 -2.40 2.41
N PHE A 160 -14.19 -3.44 1.96
CA PHE A 160 -14.68 -4.28 0.90
C PHE A 160 -15.88 -5.13 1.37
N LEU A 161 -15.76 -5.70 2.56
CA LEU A 161 -16.79 -6.59 3.06
C LEU A 161 -18.07 -5.98 3.62
N SER A 162 -17.96 -4.93 4.40
CA SER A 162 -19.18 -4.31 4.91
C SER A 162 -19.31 -2.91 4.32
N HIS A 163 -20.43 -2.66 3.63
CA HIS A 163 -20.70 -1.37 3.01
C HIS A 163 -20.06 -0.22 3.80
N LYS A 164 -19.12 0.48 3.16
CA LYS A 164 -18.38 1.58 3.79
C LYS A 164 -19.16 2.52 4.70
N HIS A 165 -20.45 2.70 4.42
CA HIS A 165 -21.33 3.57 5.22
C HIS A 165 -21.70 2.88 6.55
N SER A 166 -21.32 1.62 6.68
CA SER A 166 -21.60 0.82 7.87
C SER A 166 -20.52 1.02 8.93
N ILE A 167 -19.34 0.43 8.71
CA ILE A 167 -18.22 0.53 9.64
C ILE A 167 -17.68 1.93 9.84
N GLY A 168 -17.48 2.67 8.74
CA GLY A 168 -16.96 4.03 8.84
C GLY A 168 -15.95 4.19 9.95
N ILE A 169 -16.41 4.60 11.14
CA ILE A 169 -15.52 4.77 12.30
C ILE A 169 -15.71 3.60 13.25
N VAL A 170 -14.97 2.54 13.01
CA VAL A 170 -15.07 1.34 13.82
C VAL A 170 -14.32 1.41 15.15
N ASN A 171 -14.86 0.71 16.15
CA ASN A 171 -14.24 0.67 17.47
C ASN A 171 -14.11 -0.78 17.92
N ALA A 172 -15.13 -1.60 17.64
CA ALA A 172 -15.10 -3.01 18.02
C ALA A 172 -14.24 -3.71 16.97
N THR A 173 -12.93 -3.65 17.20
CA THR A 173 -11.89 -4.17 16.32
C THR A 173 -11.32 -5.56 16.65
N SER A 174 -10.78 -6.24 15.63
CA SER A 174 -10.17 -7.55 15.83
C SER A 174 -9.01 -7.43 16.81
N ALA A 175 -8.19 -6.40 16.65
CA ALA A 175 -7.06 -6.22 17.56
C ALA A 175 -7.61 -5.95 18.96
N GLN A 176 -8.78 -5.33 19.02
CA GLN A 176 -9.45 -5.06 20.31
C GLN A 176 -9.89 -6.39 20.94
N ALA A 177 -10.49 -7.24 20.09
CA ALA A 177 -10.95 -8.55 20.51
C ALA A 177 -9.79 -9.32 21.12
N MET A 178 -8.63 -9.25 20.46
CA MET A 178 -7.47 -9.96 20.96
C MET A 178 -7.10 -9.55 22.39
N LEU A 179 -7.15 -8.25 22.66
CA LEU A 179 -6.78 -7.75 23.98
C LEU A 179 -7.86 -7.93 25.03
N GLN A 180 -9.12 -7.72 24.66
CA GLN A 180 -10.23 -7.85 25.58
C GLN A 180 -10.56 -9.29 25.98
N ASN A 181 -10.13 -10.24 25.15
CA ASN A 181 -10.34 -11.67 25.44
C ASN A 181 -11.75 -12.05 25.92
N VAL A 182 -12.77 -11.79 25.09
CA VAL A 182 -14.16 -12.08 25.43
C VAL A 182 -14.63 -13.46 24.94
N SER A 183 -15.85 -13.83 25.36
CA SER A 183 -16.43 -15.13 25.02
C SER A 183 -16.92 -15.21 23.58
N ARG A 184 -17.19 -16.45 23.15
CA ARG A 184 -17.70 -16.75 21.82
C ARG A 184 -18.97 -15.91 21.53
N GLU A 185 -19.93 -15.92 22.45
CA GLU A 185 -21.17 -15.16 22.28
C GLU A 185 -20.91 -13.68 22.12
N GLU A 186 -19.95 -13.13 22.85
CA GLU A 186 -19.69 -11.69 22.73
C GLU A 186 -19.01 -11.41 21.39
N LEU A 187 -18.16 -12.32 20.94
CA LEU A 187 -17.50 -12.13 19.67
C LEU A 187 -18.51 -12.09 18.52
N LEU A 188 -19.49 -13.00 18.54
CA LEU A 188 -20.49 -13.07 17.47
C LEU A 188 -21.48 -11.92 17.49
N GLU A 189 -21.79 -11.46 18.70
CA GLU A 189 -22.76 -10.39 18.90
C GLU A 189 -22.20 -8.99 18.86
N GLU A 190 -20.99 -8.83 19.38
CA GLU A 190 -20.41 -7.49 19.44
C GLU A 190 -19.25 -7.13 18.53
N PHE A 191 -18.44 -8.10 18.11
CA PHE A 191 -17.32 -7.74 17.26
C PHE A 191 -17.52 -8.12 15.82
N ILE A 192 -18.22 -9.22 15.60
CA ILE A 192 -18.42 -9.71 14.25
C ILE A 192 -19.64 -9.09 13.60
N VAL A 193 -19.46 -8.56 12.39
CA VAL A 193 -20.56 -7.94 11.68
C VAL A 193 -20.77 -8.62 10.32
N PRO A 194 -22.03 -8.68 9.84
CA PRO A 194 -22.33 -9.32 8.56
C PRO A 194 -21.90 -8.50 7.36
N SER A 195 -21.56 -9.20 6.29
CA SER A 195 -21.15 -8.58 5.05
C SER A 195 -22.37 -8.65 4.12
N VAL A 196 -22.23 -8.16 2.91
CA VAL A 196 -23.35 -8.16 1.97
C VAL A 196 -23.82 -9.58 1.64
N VAL A 197 -22.88 -10.51 1.52
CA VAL A 197 -23.22 -11.87 1.22
C VAL A 197 -23.51 -12.61 2.51
N PRO A 198 -24.76 -13.07 2.70
CA PRO A 198 -25.09 -13.79 3.93
C PRO A 198 -24.30 -15.09 4.04
N GLY A 199 -23.72 -15.34 5.22
CA GLY A 199 -22.91 -16.52 5.41
C GLY A 199 -21.45 -16.09 5.50
N VAL A 200 -21.19 -14.85 5.09
CA VAL A 200 -19.84 -14.31 5.14
C VAL A 200 -19.81 -13.10 6.07
N ASP A 201 -19.07 -13.23 7.16
CA ASP A 201 -18.96 -12.17 8.16
C ASP A 201 -17.54 -11.62 8.23
N VAL A 202 -17.42 -10.48 8.91
CA VAL A 202 -16.12 -9.82 9.07
C VAL A 202 -15.93 -9.23 10.46
N MET A 203 -14.71 -9.36 10.97
CA MET A 203 -14.34 -8.78 12.27
C MET A 203 -13.53 -7.60 11.74
N PRO A 204 -14.05 -6.38 11.86
CA PRO A 204 -13.38 -5.18 11.36
C PRO A 204 -12.06 -4.70 11.94
N ALA A 205 -11.45 -3.78 11.22
CA ALA A 205 -10.20 -3.14 11.61
C ALA A 205 -10.38 -1.62 11.53
N SER A 206 -9.41 -0.88 12.07
CA SER A 206 -9.46 0.57 12.07
C SER A 206 -8.04 1.11 12.22
N ILE A 207 -7.81 2.33 11.73
CA ILE A 207 -6.47 2.90 11.82
C ILE A 207 -5.90 2.86 13.25
N ASP A 208 -6.79 2.90 14.24
CA ASP A 208 -6.39 2.87 15.65
C ASP A 208 -5.64 1.61 16.03
N ASP A 209 -5.79 0.57 15.22
CA ASP A 209 -5.09 -0.68 15.51
C ASP A 209 -3.58 -0.53 15.31
N ALA A 210 -3.17 0.55 14.63
CA ALA A 210 -1.75 0.79 14.37
C ALA A 210 -1.03 1.03 15.71
N PHE A 211 -1.72 1.73 16.61
CA PHE A 211 -1.16 2.03 17.92
C PHE A 211 -1.12 0.79 18.78
N ILE A 212 -2.04 -0.14 18.55
CA ILE A 212 -2.04 -1.36 19.32
C ILE A 212 -0.83 -2.19 18.90
N ALA A 213 -0.63 -2.33 17.60
CA ALA A 213 0.50 -3.11 17.12
C ALA A 213 1.79 -2.48 17.59
N SER A 214 1.84 -1.16 17.56
CA SER A 214 3.03 -0.45 18.00
C SER A 214 3.41 -0.78 19.46
N ASP A 215 2.42 -0.78 20.36
CA ASP A 215 2.69 -1.09 21.77
C ASP A 215 2.17 -2.46 22.19
N TRP A 216 2.34 -3.45 21.33
CA TRP A 216 1.86 -4.80 21.60
C TRP A 216 2.47 -5.44 22.86
N ARG A 217 3.79 -5.42 22.94
CA ARG A 217 4.54 -5.98 24.06
C ARG A 217 3.95 -5.55 25.40
N GLU A 218 3.87 -4.24 25.59
CA GLU A 218 3.35 -3.68 26.83
C GLU A 218 1.86 -3.89 27.00
N LEU A 219 1.09 -3.61 25.97
CA LEU A 219 -0.36 -3.82 26.03
C LEU A 219 -0.67 -5.27 26.49
N CYS A 220 0.16 -6.22 26.07
CA CYS A 220 -0.06 -7.61 26.48
C CYS A 220 0.23 -7.82 27.97
N ASN A 221 1.31 -7.19 28.46
CA ASN A 221 1.67 -7.31 29.86
C ASN A 221 0.58 -6.69 30.73
N GLU A 222 -0.12 -5.72 30.18
CA GLU A 222 -1.18 -5.06 30.94
C GLU A 222 -2.47 -5.83 30.95
N HIS A 223 -2.95 -6.21 29.76
CA HIS A 223 -4.22 -6.91 29.62
C HIS A 223 -4.22 -8.42 29.55
N LEU A 224 -3.09 -9.03 29.21
CA LEU A 224 -3.05 -10.48 29.06
C LEU A 224 -1.80 -11.01 29.74
N PRO A 225 -1.68 -10.78 31.04
CA PRO A 225 -0.51 -11.23 31.80
C PRO A 225 -0.18 -12.71 31.72
N GLY A 226 1.06 -13.01 31.35
CA GLY A 226 1.52 -14.38 31.27
C GLY A 226 1.20 -15.10 29.98
N GLN A 227 0.36 -14.50 29.14
CA GLN A 227 0.01 -15.13 27.88
C GLN A 227 1.09 -14.89 26.83
N ASN A 228 1.41 -15.93 26.06
CA ASN A 228 2.40 -15.83 24.99
C ASN A 228 1.90 -14.82 23.96
N ILE A 229 2.64 -13.73 23.78
CA ILE A 229 2.22 -12.67 22.85
C ILE A 229 1.98 -13.07 21.39
N HIS A 230 2.40 -14.27 21.00
CA HIS A 230 2.19 -14.71 19.63
C HIS A 230 0.98 -15.63 19.45
N ALA A 231 0.43 -16.12 20.57
CA ALA A 231 -0.70 -17.03 20.54
C ALA A 231 -2.05 -16.39 20.90
N VAL A 232 -2.07 -15.06 20.97
CA VAL A 232 -3.28 -14.33 21.33
C VAL A 232 -4.47 -14.46 20.39
N LEU A 233 -4.24 -14.22 19.10
CA LEU A 233 -5.30 -14.29 18.09
C LEU A 233 -5.84 -15.71 18.07
N LYS A 234 -4.94 -16.67 18.11
CA LYS A 234 -5.31 -18.08 18.09
C LYS A 234 -6.09 -18.50 19.33
N GLU A 235 -5.62 -18.11 20.50
CA GLU A 235 -6.29 -18.50 21.72
C GLU A 235 -7.46 -17.63 22.14
N ASN A 236 -7.33 -16.32 21.98
CA ASN A 236 -8.39 -15.44 22.42
C ASN A 236 -9.53 -15.21 21.45
N VAL A 237 -9.32 -15.56 20.18
CA VAL A 237 -10.36 -15.37 19.17
C VAL A 237 -10.68 -16.61 18.35
N ILE A 238 -9.74 -17.09 17.54
CA ILE A 238 -10.00 -18.24 16.67
C ILE A 238 -10.53 -19.50 17.39
N ASP A 239 -9.88 -19.93 18.48
CA ASP A 239 -10.32 -21.13 19.16
C ASP A 239 -11.76 -21.01 19.67
N LYS A 240 -12.14 -19.82 20.10
CA LYS A 240 -13.51 -19.63 20.59
C LYS A 240 -14.56 -19.71 19.48
N LEU A 241 -14.17 -19.44 18.24
CA LEU A 241 -15.07 -19.47 17.10
C LEU A 241 -14.99 -20.73 16.20
N LYS A 242 -14.08 -21.64 16.52
CA LYS A 242 -13.90 -22.84 15.69
C LYS A 242 -15.11 -23.64 15.25
N SER A 243 -16.19 -23.63 16.04
CA SER A 243 -17.42 -24.37 15.71
C SER A 243 -18.51 -23.56 15.01
N ASP A 244 -18.34 -22.25 14.87
CA ASP A 244 -19.35 -21.44 14.22
C ASP A 244 -19.03 -21.17 12.76
N TYR A 245 -17.83 -21.55 12.33
CA TYR A 245 -17.43 -21.28 10.95
C TYR A 245 -16.68 -22.44 10.35
N ASP A 246 -16.76 -22.55 9.03
CA ASP A 246 -16.06 -23.59 8.31
C ASP A 246 -14.68 -23.07 7.93
N PHE A 247 -14.61 -21.82 7.49
CA PHE A 247 -13.34 -21.19 7.14
C PHE A 247 -13.17 -19.83 7.82
N ILE A 248 -11.97 -19.58 8.32
CA ILE A 248 -11.66 -18.30 8.92
C ILE A 248 -10.44 -17.75 8.16
N LEU A 249 -10.62 -16.61 7.50
CA LEU A 249 -9.54 -15.98 6.74
C LEU A 249 -9.01 -14.76 7.48
N VAL A 250 -7.69 -14.69 7.65
CA VAL A 250 -7.06 -13.56 8.35
C VAL A 250 -6.33 -12.68 7.33
N ASP A 251 -6.57 -11.37 7.39
CA ASP A 251 -5.87 -10.45 6.49
C ASP A 251 -5.09 -9.46 7.37
N SER A 252 -3.80 -9.31 7.08
CA SER A 252 -2.96 -8.39 7.84
C SER A 252 -2.21 -7.55 6.81
N GLY A 253 -1.57 -6.49 7.26
CA GLY A 253 -0.80 -5.64 6.36
C GLY A 253 0.53 -6.27 6.05
N PRO A 254 1.27 -5.72 5.09
CA PRO A 254 2.59 -6.25 4.70
C PRO A 254 3.67 -5.80 5.68
N HIS A 255 3.32 -5.78 6.97
CA HIS A 255 4.25 -5.33 7.98
C HIS A 255 4.59 -6.50 8.89
N LEU A 256 5.86 -6.71 9.19
CA LEU A 256 6.24 -7.81 10.06
C LEU A 256 5.94 -7.44 11.53
N ASP A 257 4.64 -7.44 11.83
CA ASP A 257 4.01 -7.09 13.12
C ASP A 257 3.70 -8.25 14.05
N ALA A 258 3.03 -7.89 15.14
CA ALA A 258 2.55 -8.83 16.12
C ALA A 258 1.35 -9.49 15.42
N PHE A 259 0.64 -8.69 14.62
CA PHE A 259 -0.50 -9.21 13.87
C PHE A 259 -0.07 -10.26 12.84
N LEU A 260 1.01 -9.98 12.12
CA LEU A 260 1.49 -10.90 11.11
C LEU A 260 1.84 -12.19 11.83
N LYS A 261 2.57 -12.07 12.93
CA LYS A 261 2.98 -13.23 13.70
C LYS A 261 1.80 -13.99 14.32
N ASN A 262 0.84 -13.27 14.90
CA ASN A 262 -0.32 -13.92 15.48
C ASN A 262 -1.13 -14.64 14.41
N ALA A 263 -1.16 -14.07 13.22
CA ALA A 263 -1.89 -14.67 12.10
C ALA A 263 -1.20 -15.95 11.62
N LEU A 264 0.13 -15.92 11.59
CA LEU A 264 0.92 -17.07 11.17
C LEU A 264 0.78 -18.23 12.15
N ALA A 265 0.68 -17.88 13.43
CA ALA A 265 0.60 -18.88 14.49
C ALA A 265 -0.76 -19.55 14.55
N SER A 266 -1.74 -18.94 13.91
CA SER A 266 -3.08 -19.47 13.93
C SER A 266 -3.52 -20.16 12.64
N ALA A 267 -2.79 -19.95 11.55
CA ALA A 267 -3.18 -20.54 10.27
C ALA A 267 -2.96 -22.04 10.13
N ASN A 268 -3.83 -22.66 9.34
CA ASN A 268 -3.73 -24.09 9.05
C ASN A 268 -2.96 -24.22 7.73
N ILE A 269 -3.09 -23.19 6.90
CA ILE A 269 -2.49 -23.16 5.58
C ILE A 269 -2.20 -21.71 5.12
N LEU A 270 -1.18 -21.55 4.28
CA LEU A 270 -0.82 -20.25 3.76
C LEU A 270 -0.91 -20.25 2.24
N PHE A 271 -1.36 -19.14 1.66
CA PHE A 271 -1.41 -18.98 0.21
C PHE A 271 -0.61 -17.72 -0.09
N THR A 272 0.44 -17.87 -0.89
CA THR A 272 1.29 -16.74 -1.27
C THR A 272 0.93 -16.17 -2.61
N PRO A 273 0.37 -14.95 -2.65
CA PRO A 273 0.04 -14.41 -3.96
C PRO A 273 1.32 -13.88 -4.60
N LEU A 274 1.65 -14.38 -5.81
CA LEU A 274 2.86 -14.00 -6.53
C LEU A 274 2.63 -13.00 -7.67
N PRO A 275 3.21 -11.81 -7.57
CA PRO A 275 3.05 -10.78 -8.60
C PRO A 275 3.90 -11.10 -9.83
N PRO A 276 3.42 -10.69 -11.03
CA PRO A 276 4.07 -10.90 -12.34
C PRO A 276 5.31 -10.09 -12.71
N ALA A 277 5.45 -8.86 -12.20
CA ALA A 277 6.62 -8.05 -12.51
C ALA A 277 7.85 -8.63 -11.83
N THR A 278 8.95 -8.73 -12.58
CA THR A 278 10.21 -9.32 -12.07
C THR A 278 10.69 -8.78 -10.72
N VAL A 279 10.68 -7.46 -10.57
CA VAL A 279 11.12 -6.86 -9.30
C VAL A 279 10.26 -7.23 -8.10
N ASP A 280 8.94 -7.23 -8.27
CA ASP A 280 8.02 -7.57 -7.19
C ASP A 280 8.05 -9.08 -6.94
N PHE A 281 8.24 -9.83 -8.02
CA PHE A 281 8.32 -11.27 -7.91
C PHE A 281 9.59 -11.60 -7.10
N HIS A 282 10.69 -10.92 -7.42
CA HIS A 282 11.96 -11.10 -6.72
C HIS A 282 11.71 -10.89 -5.22
N SER A 283 11.11 -9.75 -4.87
CA SER A 283 10.83 -9.44 -3.47
C SER A 283 10.01 -10.53 -2.79
N SER A 284 8.96 -10.97 -3.47
CA SER A 284 8.09 -12.02 -2.93
C SER A 284 8.85 -13.31 -2.63
N LEU A 285 9.84 -13.67 -3.47
CA LEU A 285 10.61 -14.89 -3.24
C LEU A 285 11.46 -14.71 -1.98
N LYS A 286 11.82 -13.47 -1.68
CA LYS A 286 12.61 -13.25 -0.49
C LYS A 286 11.77 -13.62 0.70
N TYR A 287 10.49 -13.28 0.63
CA TYR A 287 9.58 -13.63 1.70
C TYR A 287 9.36 -15.13 1.76
N VAL A 288 9.18 -15.76 0.60
CA VAL A 288 8.97 -17.19 0.60
C VAL A 288 10.21 -17.93 1.09
N ALA A 289 11.39 -17.35 0.88
CA ALA A 289 12.64 -17.97 1.33
C ALA A 289 12.85 -17.85 2.83
N ARG A 290 12.47 -16.73 3.43
CA ARG A 290 12.67 -16.55 4.85
C ARG A 290 11.48 -16.98 5.70
N LEU A 291 10.50 -17.63 5.07
CA LEU A 291 9.31 -18.07 5.80
C LEU A 291 9.65 -19.10 6.89
N PRO A 292 10.46 -20.12 6.57
CA PRO A 292 10.77 -21.08 7.62
C PRO A 292 11.50 -20.42 8.78
N GLU A 293 12.21 -19.33 8.48
CA GLU A 293 12.94 -18.60 9.51
C GLU A 293 11.94 -17.95 10.48
N LEU A 294 10.86 -17.39 9.93
CA LEU A 294 9.82 -16.73 10.72
C LEU A 294 9.06 -17.72 11.61
N VAL A 295 8.70 -18.87 11.05
CA VAL A 295 7.98 -19.86 11.83
C VAL A 295 8.89 -20.32 12.97
N LYS A 296 10.19 -20.45 12.67
CA LYS A 296 11.19 -20.88 13.66
C LYS A 296 11.25 -19.92 14.85
N LEU A 297 11.26 -18.62 14.56
CA LEU A 297 11.30 -17.60 15.60
C LEU A 297 10.09 -17.74 16.54
N ILE A 298 8.89 -17.57 15.98
CA ILE A 298 7.67 -17.67 16.76
C ILE A 298 7.70 -18.92 17.62
N SER A 299 8.21 -20.00 17.06
CA SER A 299 8.30 -21.26 17.78
C SER A 299 9.31 -21.15 18.93
N ASP A 300 10.54 -20.76 18.60
CA ASP A 300 11.59 -20.61 19.61
C ASP A 300 11.16 -19.69 20.75
N GLU A 301 10.10 -18.92 20.56
CA GLU A 301 9.70 -18.03 21.62
C GLU A 301 8.25 -18.08 22.03
N GLY A 302 7.69 -19.27 22.09
CA GLY A 302 6.31 -19.37 22.51
C GLY A 302 5.47 -20.52 21.99
N CYS A 303 4.69 -20.26 20.94
CA CYS A 303 3.83 -21.27 20.38
C CYS A 303 4.33 -21.83 19.07
N GLU A 304 3.83 -23.01 18.73
CA GLU A 304 4.23 -23.66 17.51
C GLU A 304 3.21 -23.42 16.42
N CYS A 305 3.72 -23.22 15.21
CA CYS A 305 2.88 -22.99 14.06
C CYS A 305 2.44 -24.32 13.46
N GLN A 306 1.12 -24.49 13.31
CA GLN A 306 0.55 -25.69 12.73
C GLN A 306 0.46 -25.51 11.21
N LEU A 307 1.29 -24.61 10.70
CA LEU A 307 1.34 -24.28 9.27
C LEU A 307 1.69 -25.49 8.40
N ALA A 308 0.68 -26.07 7.77
CA ALA A 308 0.87 -27.24 6.91
C ALA A 308 1.76 -26.93 5.69
N THR A 309 1.16 -26.27 4.72
CA THR A 309 1.82 -25.93 3.49
C THR A 309 1.76 -24.45 3.16
N ASN A 310 2.34 -24.10 2.02
CA ASN A 310 2.36 -22.75 1.50
C ASN A 310 2.11 -22.90 0.02
N ILE A 311 0.90 -22.59 -0.41
CA ILE A 311 0.51 -22.67 -1.82
C ILE A 311 0.70 -21.32 -2.47
N GLY A 312 1.29 -21.33 -3.66
CA GLY A 312 1.50 -20.09 -4.39
C GLY A 312 0.53 -20.03 -5.55
N PHE A 313 0.28 -18.81 -6.04
CA PHE A 313 -0.61 -18.61 -7.16
C PHE A 313 -0.29 -17.23 -7.75
N MET A 314 -0.30 -17.13 -9.07
CA MET A 314 0.00 -15.88 -9.76
C MET A 314 -1.13 -14.91 -9.55
N SER A 315 -0.78 -13.65 -9.29
CA SER A 315 -1.79 -12.61 -9.09
C SER A 315 -1.60 -11.47 -10.09
N LYS A 316 -2.70 -10.94 -10.60
CA LYS A 316 -2.70 -9.87 -11.59
C LYS A 316 -1.83 -10.21 -12.80
N LEU A 317 -1.87 -11.48 -13.21
CA LEU A 317 -1.07 -12.00 -14.33
C LEU A 317 -1.60 -11.55 -15.70
N SER A 318 -0.70 -11.44 -16.67
CA SER A 318 -1.08 -11.03 -18.01
C SER A 318 -0.19 -11.69 -19.06
N ASN A 319 -0.33 -11.29 -20.34
CA ASN A 319 0.47 -11.90 -21.42
C ASN A 319 1.82 -11.24 -21.74
N LYS A 320 2.19 -10.23 -20.96
CA LYS A 320 3.46 -9.55 -21.15
C LYS A 320 4.58 -10.57 -20.98
N ALA A 321 5.57 -10.51 -21.88
CA ALA A 321 6.71 -11.43 -21.88
C ALA A 321 7.30 -11.64 -20.50
N ASP A 322 7.45 -10.52 -19.78
CA ASP A 322 7.99 -10.52 -18.43
C ASP A 322 7.12 -11.40 -17.51
N HIS A 323 5.80 -11.32 -17.67
CA HIS A 323 4.87 -12.11 -16.88
C HIS A 323 5.04 -13.61 -17.14
N LYS A 324 5.04 -14.00 -18.41
CA LYS A 324 5.21 -15.42 -18.74
C LYS A 324 6.49 -15.94 -18.09
N TYR A 325 7.52 -15.11 -18.08
CA TYR A 325 8.80 -15.51 -17.51
C TYR A 325 8.67 -15.83 -16.02
N CYS A 326 8.07 -14.89 -15.27
CA CYS A 326 7.88 -15.05 -13.83
C CYS A 326 7.00 -16.26 -13.51
N HIS A 327 5.97 -16.43 -14.33
CA HIS A 327 5.04 -17.55 -14.19
C HIS A 327 5.86 -18.86 -14.28
N SER A 328 6.84 -18.89 -15.18
CA SER A 328 7.69 -20.08 -15.33
C SER A 328 8.55 -20.28 -14.09
N LEU A 329 9.08 -19.18 -13.56
CA LEU A 329 9.92 -19.23 -12.37
C LEU A 329 9.13 -19.68 -11.14
N ALA A 330 7.93 -19.14 -10.96
CA ALA A 330 7.09 -19.50 -9.82
C ALA A 330 6.76 -20.99 -9.88
N LYS A 331 6.40 -21.47 -11.08
CA LYS A 331 6.09 -22.88 -11.29
C LYS A 331 7.27 -23.75 -10.87
N GLU A 332 8.47 -23.21 -11.04
CA GLU A 332 9.71 -23.90 -10.69
C GLU A 332 9.92 -23.96 -9.19
N VAL A 333 9.63 -22.85 -8.52
CA VAL A 333 9.81 -22.74 -7.07
C VAL A 333 8.77 -23.54 -6.26
N PHE A 334 7.50 -23.31 -6.56
CA PHE A 334 6.44 -24.00 -5.83
C PHE A 334 6.19 -25.41 -6.35
N GLY A 335 6.57 -25.65 -7.60
CA GLY A 335 6.39 -26.95 -8.19
C GLY A 335 4.98 -27.49 -8.16
N GLY A 336 4.74 -28.46 -7.29
CA GLY A 336 3.41 -29.03 -7.18
C GLY A 336 2.48 -28.12 -6.38
N ASP A 337 3.02 -27.45 -5.37
CA ASP A 337 2.23 -26.55 -4.52
C ASP A 337 1.87 -25.24 -5.21
N MET A 338 1.88 -25.25 -6.54
CA MET A 338 1.52 -24.08 -7.32
C MET A 338 0.08 -24.28 -7.80
N LEU A 339 -0.85 -23.42 -7.36
CA LEU A 339 -2.23 -23.55 -7.80
C LEU A 339 -2.25 -23.56 -9.31
N ASP A 340 -3.13 -24.36 -9.89
CA ASP A 340 -3.21 -24.44 -11.35
C ASP A 340 -4.06 -23.33 -11.94
N VAL A 341 -4.63 -22.51 -11.07
CA VAL A 341 -5.45 -21.40 -11.49
C VAL A 341 -4.82 -20.15 -10.90
N PHE A 342 -5.01 -19.02 -11.55
CA PHE A 342 -4.44 -17.77 -11.05
C PHE A 342 -5.44 -16.63 -11.21
N LEU A 343 -5.21 -15.54 -10.51
CA LEU A 343 -6.10 -14.38 -10.63
C LEU A 343 -5.48 -13.46 -11.68
N PRO A 344 -6.12 -13.34 -12.85
CA PRO A 344 -5.57 -12.48 -13.90
C PRO A 344 -5.90 -11.03 -13.62
N ARG A 345 -5.23 -10.11 -14.32
CA ARG A 345 -5.52 -8.70 -14.12
C ARG A 345 -6.74 -8.34 -14.95
N LEU A 346 -7.82 -7.89 -14.29
CA LEU A 346 -9.04 -7.54 -15.00
C LEU A 346 -9.62 -6.18 -14.57
N ASP A 347 -10.26 -5.47 -15.50
CA ASP A 347 -10.84 -4.17 -15.19
C ASP A 347 -11.93 -4.32 -14.12
N GLY A 348 -12.62 -5.45 -14.17
CA GLY A 348 -13.69 -5.71 -13.21
C GLY A 348 -13.22 -5.59 -11.79
N PHE A 349 -12.01 -6.09 -11.52
CA PHE A 349 -11.41 -6.05 -10.20
C PHE A 349 -11.01 -4.63 -9.82
N GLU A 350 -10.57 -3.85 -10.81
CA GLU A 350 -10.19 -2.46 -10.55
C GLU A 350 -11.45 -1.63 -10.27
N ARG A 351 -12.38 -1.58 -11.23
CA ARG A 351 -13.60 -0.81 -11.01
C ARG A 351 -14.21 -1.17 -9.67
N CYS A 352 -14.35 -2.46 -9.41
CA CYS A 352 -14.92 -2.89 -8.14
C CYS A 352 -14.07 -2.38 -6.98
N GLY A 353 -12.74 -2.49 -7.12
CA GLY A 353 -11.85 -2.02 -6.07
C GLY A 353 -12.01 -0.54 -5.74
N GLU A 354 -12.35 0.26 -6.75
CA GLU A 354 -12.53 1.70 -6.57
C GLU A 354 -13.73 2.02 -5.68
N SER A 355 -14.81 1.26 -5.85
CA SER A 355 -16.01 1.48 -5.04
C SER A 355 -16.10 0.50 -3.88
N PHE A 356 -14.94 -0.06 -3.52
CA PHE A 356 -14.80 -1.03 -2.44
C PHE A 356 -15.92 -2.08 -2.38
N ASP A 357 -16.10 -2.74 -3.52
CA ASP A 357 -17.10 -3.78 -3.64
C ASP A 357 -16.44 -5.01 -4.17
N THR A 358 -17.00 -6.16 -3.82
CA THR A 358 -16.46 -7.42 -4.27
C THR A 358 -17.02 -7.72 -5.66
N VAL A 359 -16.21 -8.41 -6.43
CA VAL A 359 -16.60 -8.79 -7.76
C VAL A 359 -17.78 -9.79 -7.68
N ILE A 360 -18.14 -10.21 -6.47
CA ILE A 360 -19.25 -11.14 -6.23
C ILE A 360 -20.49 -10.39 -5.73
N SER A 361 -20.27 -9.43 -4.83
CA SER A 361 -21.38 -8.66 -4.26
C SER A 361 -21.82 -7.48 -5.15
N ALA A 362 -20.89 -6.96 -5.95
CA ALA A 362 -21.21 -5.87 -6.84
C ALA A 362 -22.42 -6.26 -7.67
N ASN A 363 -23.45 -5.42 -7.63
CA ASN A 363 -24.69 -5.64 -8.39
C ASN A 363 -24.48 -5.14 -9.82
N PRO A 364 -24.73 -6.00 -10.82
CA PRO A 364 -24.54 -5.58 -12.22
C PRO A 364 -25.43 -4.40 -12.61
N ALA A 365 -26.63 -4.34 -12.07
CA ALA A 365 -27.56 -3.25 -12.37
C ALA A 365 -27.06 -1.87 -11.91
N THR A 366 -26.13 -1.85 -10.96
CA THR A 366 -25.60 -0.60 -10.44
C THR A 366 -24.17 -0.37 -10.95
N TYR A 367 -23.51 -1.44 -11.36
CA TYR A 367 -22.14 -1.38 -11.84
C TYR A 367 -21.92 -0.34 -12.94
N VAL A 368 -20.86 0.45 -12.78
CA VAL A 368 -20.46 1.48 -13.74
C VAL A 368 -19.26 0.96 -14.51
N GLY A 369 -19.50 0.39 -15.68
CA GLY A 369 -18.40 -0.16 -16.46
C GLY A 369 -19.05 -1.20 -17.32
N SER A 370 -18.29 -1.92 -18.14
CA SER A 370 -18.96 -2.91 -18.99
C SER A 370 -19.41 -4.13 -18.19
N ALA A 371 -20.65 -4.52 -18.44
CA ALA A 371 -21.24 -5.68 -17.79
C ALA A 371 -20.43 -6.93 -18.11
N ASP A 372 -19.79 -6.95 -19.29
CA ASP A 372 -18.97 -8.08 -19.68
C ASP A 372 -17.78 -8.19 -18.73
N ALA A 373 -17.07 -7.08 -18.56
CA ALA A 373 -15.90 -7.05 -17.69
C ALA A 373 -16.23 -7.58 -16.30
N LEU A 374 -17.39 -7.19 -15.75
CA LEU A 374 -17.81 -7.64 -14.42
C LEU A 374 -17.95 -9.15 -14.38
N LYS A 375 -18.67 -9.73 -15.34
CA LYS A 375 -18.87 -11.19 -15.40
C LYS A 375 -17.55 -11.93 -15.45
N ASN A 376 -16.61 -11.40 -16.21
CA ASN A 376 -15.30 -12.03 -16.40
C ASN A 376 -14.55 -12.18 -15.09
N ALA A 377 -14.56 -11.11 -14.31
CA ALA A 377 -13.86 -11.10 -13.02
C ALA A 377 -14.61 -12.02 -12.04
N ARG A 378 -15.93 -12.00 -12.08
CA ARG A 378 -16.74 -12.86 -11.22
C ARG A 378 -16.38 -14.32 -11.45
N ILE A 379 -16.36 -14.71 -12.73
CA ILE A 379 -16.01 -16.06 -13.10
C ILE A 379 -14.58 -16.34 -12.68
N ALA A 380 -13.70 -15.36 -12.80
CA ALA A 380 -12.31 -15.56 -12.41
C ALA A 380 -12.21 -15.77 -10.88
N ALA A 381 -12.94 -14.96 -10.13
CA ALA A 381 -12.95 -15.10 -8.66
C ALA A 381 -13.47 -16.51 -8.32
N GLU A 382 -14.57 -16.90 -8.96
CA GLU A 382 -15.16 -18.22 -8.74
C GLU A 382 -14.21 -19.36 -9.03
N ASP A 383 -13.53 -19.29 -10.18
CA ASP A 383 -12.58 -20.32 -10.57
C ASP A 383 -11.45 -20.41 -9.56
N PHE A 384 -11.03 -19.25 -9.08
CA PHE A 384 -9.96 -19.20 -8.10
C PHE A 384 -10.44 -19.85 -6.79
N ALA A 385 -11.65 -19.50 -6.37
CA ALA A 385 -12.20 -20.03 -5.12
C ALA A 385 -12.35 -21.56 -5.17
N LYS A 386 -12.92 -22.07 -6.27
CA LYS A 386 -13.10 -23.50 -6.41
C LYS A 386 -11.76 -24.25 -6.34
N ALA A 387 -10.73 -23.69 -6.95
CA ALA A 387 -9.39 -24.29 -6.95
C ALA A 387 -8.77 -24.30 -5.54
N VAL A 388 -9.04 -23.24 -4.77
CA VAL A 388 -8.54 -23.15 -3.39
C VAL A 388 -9.23 -24.19 -2.51
N PHE A 389 -10.56 -24.17 -2.58
CA PHE A 389 -11.39 -25.11 -1.83
C PHE A 389 -10.94 -26.55 -2.12
N ASP A 390 -10.81 -26.92 -3.40
CA ASP A 390 -10.42 -28.29 -3.77
C ASP A 390 -9.04 -28.65 -3.25
N ARG A 391 -8.17 -27.66 -3.19
CA ARG A 391 -6.82 -27.86 -2.68
C ARG A 391 -6.87 -28.22 -1.20
N ILE A 392 -7.67 -27.47 -0.44
CA ILE A 392 -7.84 -27.71 0.99
C ILE A 392 -8.39 -29.14 1.15
N GLU A 393 -9.42 -29.45 0.37
CA GLU A 393 -10.06 -30.77 0.40
C GLU A 393 -9.05 -31.89 0.37
N PHE A 394 -8.18 -31.86 -0.64
CA PHE A 394 -7.16 -32.90 -0.76
C PHE A 394 -6.26 -32.93 0.47
N ILE A 395 -5.90 -31.76 0.97
CA ILE A 395 -5.04 -31.72 2.14
C ILE A 395 -5.75 -32.23 3.36
N ARG A 396 -7.00 -31.82 3.54
CA ARG A 396 -7.78 -32.25 4.70
C ARG A 396 -8.21 -33.72 4.77
N SER A 397 -8.43 -34.38 3.65
CA SER A 397 -8.83 -35.78 3.74
C SER A 397 -7.71 -36.74 3.35
N ASN A 398 -6.48 -36.34 3.63
CA ASN A 398 -5.30 -37.14 3.33
C ASN A 398 -4.15 -36.82 4.30
N SER B 5 7.49 -30.64 6.64
CA SER B 5 8.46 -29.54 6.35
C SER B 5 8.44 -29.18 4.87
N GLN B 6 7.26 -29.27 4.26
CA GLN B 6 7.11 -28.95 2.84
C GLN B 6 6.94 -27.45 2.68
N LEU B 7 7.70 -26.72 3.49
CA LEU B 7 7.70 -25.27 3.50
C LEU B 7 9.18 -24.91 3.39
N HIS B 8 10.04 -25.79 3.87
CA HIS B 8 11.47 -25.53 3.78
C HIS B 8 11.94 -25.95 2.39
N LYS B 9 11.11 -26.75 1.71
CA LYS B 9 11.46 -27.21 0.37
C LYS B 9 11.38 -26.04 -0.59
N VAL B 10 10.26 -25.33 -0.54
CA VAL B 10 10.04 -24.19 -1.40
C VAL B 10 11.03 -23.09 -1.07
N ALA B 11 11.30 -22.91 0.22
CA ALA B 11 12.23 -21.87 0.65
C ALA B 11 13.58 -22.13 -0.03
N GLN B 12 14.01 -23.38 -0.04
CA GLN B 12 15.27 -23.78 -0.67
C GLN B 12 15.27 -23.36 -2.15
N ARG B 13 14.31 -23.89 -2.89
CA ARG B 13 14.19 -23.59 -4.31
C ARG B 13 14.04 -22.10 -4.54
N ALA B 14 13.35 -21.42 -3.63
CA ALA B 14 13.14 -19.98 -3.76
C ALA B 14 14.47 -19.26 -3.62
N ASN B 15 15.20 -19.62 -2.58
CA ASN B 15 16.50 -19.03 -2.30
C ASN B 15 17.44 -19.16 -3.51
N ARG B 16 17.44 -20.33 -4.13
CA ARG B 16 18.26 -20.58 -5.32
C ARG B 16 17.87 -19.65 -6.45
N MET B 17 16.57 -19.50 -6.68
CA MET B 17 16.07 -18.63 -7.72
C MET B 17 16.53 -17.19 -7.53
N LEU B 18 16.61 -16.76 -6.27
CA LEU B 18 17.05 -15.40 -5.96
C LEU B 18 18.44 -15.17 -6.54
N ASN B 19 19.33 -16.13 -6.29
CA ASN B 19 20.71 -16.07 -6.79
C ASN B 19 20.68 -15.82 -8.30
N VAL B 20 19.89 -16.63 -9.00
CA VAL B 20 19.74 -16.52 -10.44
C VAL B 20 19.25 -15.12 -10.82
N LEU B 21 18.06 -14.76 -10.34
CA LEU B 21 17.50 -13.44 -10.65
C LEU B 21 18.48 -12.31 -10.31
N THR B 22 19.10 -12.38 -9.14
CA THR B 22 20.06 -11.35 -8.72
C THR B 22 21.19 -11.16 -9.73
N GLU B 23 21.88 -12.25 -10.06
CA GLU B 23 22.97 -12.17 -11.02
C GLU B 23 22.49 -11.68 -12.39
N GLN B 24 21.21 -11.89 -12.67
CA GLN B 24 20.64 -11.46 -13.95
C GLN B 24 20.46 -9.95 -14.05
N VAL B 25 19.86 -9.35 -13.03
CA VAL B 25 19.64 -7.92 -13.04
C VAL B 25 20.96 -7.22 -12.72
N GLN B 26 21.92 -8.01 -12.24
CA GLN B 26 23.24 -7.49 -11.87
C GLN B 26 24.08 -7.18 -13.10
N LEU B 27 23.58 -7.59 -14.28
CA LEU B 27 24.29 -7.35 -15.54
C LEU B 27 23.64 -6.18 -16.29
N GLN B 28 22.31 -6.23 -16.41
CA GLN B 28 21.58 -5.18 -17.11
C GLN B 28 21.65 -3.86 -16.33
N LYS B 29 22.50 -3.82 -15.31
CA LYS B 29 22.66 -2.62 -14.50
C LYS B 29 23.20 -1.47 -15.34
N ASP B 30 22.35 -0.91 -16.18
CA ASP B 30 22.74 0.19 -17.05
C ASP B 30 23.28 1.35 -16.22
N GLU B 31 24.14 2.16 -16.84
CA GLU B 31 24.75 3.31 -16.17
C GLU B 31 23.92 4.57 -16.49
N LEU B 32 23.23 5.08 -15.48
CA LEU B 32 22.38 6.27 -15.65
C LEU B 32 23.19 7.50 -16.09
N HIS B 33 23.30 7.71 -17.39
CA HIS B 33 24.04 8.86 -17.94
C HIS B 33 23.26 10.16 -17.75
N ALA B 34 23.94 11.17 -17.20
CA ALA B 34 23.33 12.46 -16.94
C ALA B 34 22.67 13.11 -18.15
N ASN B 35 23.38 13.17 -19.27
CA ASN B 35 22.82 13.79 -20.47
C ASN B 35 21.72 12.96 -21.16
N GLU B 36 21.00 12.16 -20.38
CA GLU B 36 19.91 11.35 -20.93
C GLU B 36 18.54 11.92 -20.53
N PHE B 37 18.52 12.80 -19.53
CA PHE B 37 17.27 13.43 -19.10
C PHE B 37 16.75 14.23 -20.31
N TYR B 38 15.53 13.94 -20.74
CA TYR B 38 14.93 14.57 -21.93
C TYR B 38 14.86 16.09 -22.02
N GLN B 39 14.57 16.76 -20.91
CA GLN B 39 14.45 18.20 -20.93
C GLN B 39 15.65 18.99 -21.44
N VAL B 40 15.43 19.77 -22.50
CA VAL B 40 16.46 20.62 -23.06
C VAL B 40 15.79 21.89 -23.59
N TYR B 41 16.49 23.01 -23.44
CA TYR B 41 15.95 24.29 -23.86
C TYR B 41 16.72 24.91 -25.02
N ALA B 42 16.00 25.53 -25.94
CA ALA B 42 16.66 26.21 -27.05
C ALA B 42 17.22 27.46 -26.39
N LYS B 43 18.38 27.92 -26.83
CA LYS B 43 19.00 29.10 -26.23
C LYS B 43 17.98 30.23 -26.01
N ALA B 44 17.17 30.50 -27.04
CA ALA B 44 16.17 31.57 -26.92
C ALA B 44 15.14 31.41 -25.77
N ALA B 45 14.86 30.17 -25.39
CA ALA B 45 13.89 29.91 -24.34
C ALA B 45 14.33 30.39 -22.93
N LEU B 46 15.63 30.50 -22.69
CA LEU B 46 16.05 30.93 -21.36
C LEU B 46 15.50 32.31 -21.05
N ALA B 47 15.39 33.17 -22.06
CA ALA B 47 14.87 34.53 -21.87
C ALA B 47 13.56 34.54 -21.07
N LYS B 48 12.74 33.50 -21.23
CA LYS B 48 11.48 33.41 -20.50
C LYS B 48 11.69 33.09 -19.00
N LEU B 49 12.92 32.79 -18.60
CA LEU B 49 13.18 32.43 -17.21
C LEU B 49 13.54 33.68 -16.41
N PRO B 50 13.28 33.65 -15.09
CA PRO B 50 13.62 34.84 -14.30
C PRO B 50 15.08 35.25 -14.33
N LEU B 51 15.29 36.57 -14.39
CA LEU B 51 16.61 37.22 -14.41
C LEU B 51 17.40 37.06 -15.70
N LEU B 52 16.91 36.23 -16.63
CA LEU B 52 17.63 36.03 -17.87
C LEU B 52 16.97 36.73 -19.04
N THR B 53 17.79 37.37 -19.85
CA THR B 53 17.34 38.09 -21.04
C THR B 53 18.10 37.52 -22.22
N ARG B 54 17.52 37.62 -23.40
CA ARG B 54 18.16 37.11 -24.59
C ARG B 54 19.61 37.66 -24.67
N ALA B 55 19.79 38.92 -24.29
CA ALA B 55 21.09 39.53 -24.33
C ALA B 55 22.05 39.13 -23.21
N ASN B 56 21.58 39.01 -21.97
CA ASN B 56 22.57 38.64 -20.96
C ASN B 56 22.92 37.17 -21.06
N VAL B 57 22.11 36.40 -21.78
CA VAL B 57 22.41 34.98 -21.97
C VAL B 57 23.49 34.83 -23.06
N ASP B 58 23.37 35.59 -24.15
CA ASP B 58 24.36 35.54 -25.21
C ASP B 58 25.70 35.99 -24.67
N TYR B 59 25.69 37.04 -23.84
CA TYR B 59 26.93 37.55 -23.25
C TYR B 59 27.55 36.48 -22.35
N ALA B 60 26.74 35.92 -21.47
CA ALA B 60 27.23 34.90 -20.55
C ALA B 60 27.78 33.75 -21.35
N VAL B 61 27.00 33.26 -22.30
CA VAL B 61 27.40 32.13 -23.14
C VAL B 61 28.69 32.38 -23.85
N SER B 62 28.91 33.62 -24.25
CA SER B 62 30.12 33.98 -24.99
C SER B 62 31.35 33.99 -24.08
N GLU B 63 31.20 34.57 -22.90
CA GLU B 63 32.28 34.66 -21.94
C GLU B 63 32.70 33.29 -21.41
N MET B 64 31.72 32.41 -21.19
CA MET B 64 32.00 31.09 -20.68
C MET B 64 32.79 30.28 -21.70
N GLU B 65 32.42 30.40 -22.97
CA GLU B 65 33.11 29.66 -24.00
C GLU B 65 34.56 30.16 -24.07
N GLU B 66 34.74 31.44 -23.74
CA GLU B 66 36.07 32.04 -23.76
C GLU B 66 36.93 31.46 -22.67
N LYS B 67 36.30 30.96 -21.60
CA LYS B 67 37.02 30.37 -20.49
C LYS B 67 37.08 28.85 -20.66
N GLY B 68 36.71 28.37 -21.84
CA GLY B 68 36.79 26.95 -22.10
C GLY B 68 35.59 26.13 -21.69
N TYR B 69 34.50 26.76 -21.26
CA TYR B 69 33.30 26.00 -20.90
C TYR B 69 32.80 25.29 -22.16
N VAL B 70 32.49 24.02 -22.05
CA VAL B 70 32.02 23.28 -23.20
C VAL B 70 30.52 23.02 -23.16
N PHE B 71 29.78 23.69 -24.05
CA PHE B 71 28.33 23.48 -24.14
C PHE B 71 28.19 22.24 -25.03
N ASP B 72 27.27 21.34 -24.68
CA ASP B 72 27.09 20.14 -25.51
C ASP B 72 26.17 20.46 -26.68
N LYS B 73 26.72 21.12 -27.70
CA LYS B 73 25.94 21.51 -28.87
C LYS B 73 25.54 20.32 -29.73
N ARG B 74 24.55 20.53 -30.60
CA ARG B 74 24.14 19.45 -31.49
C ARG B 74 24.52 19.85 -32.89
N PRO B 75 24.84 18.86 -33.75
CA PRO B 75 25.22 19.10 -35.14
C PRO B 75 24.01 19.34 -36.03
N ALA B 76 23.36 20.49 -35.85
CA ALA B 76 22.19 20.85 -36.63
C ALA B 76 22.31 22.29 -37.11
N GLY B 77 21.99 22.54 -38.38
CA GLY B 77 22.11 23.88 -38.93
C GLY B 77 23.52 24.16 -39.42
N SER B 78 23.70 25.26 -40.14
CA SER B 78 25.01 25.65 -40.66
C SER B 78 26.03 25.75 -39.52
N SER B 79 25.56 26.25 -38.38
CA SER B 79 26.38 26.36 -37.17
C SER B 79 25.58 25.70 -36.07
N MET B 80 26.22 24.77 -35.39
CA MET B 80 25.60 24.01 -34.33
C MET B 80 24.60 24.79 -33.48
N LYS B 81 23.65 24.05 -32.90
CA LYS B 81 22.63 24.65 -32.05
C LYS B 81 22.94 24.36 -30.59
N TYR B 82 22.47 25.23 -29.70
CA TYR B 82 22.66 25.02 -28.27
C TYR B 82 21.45 24.22 -27.81
N ALA B 83 21.70 23.06 -27.24
CA ALA B 83 20.62 22.24 -26.73
C ALA B 83 20.89 22.31 -25.24
N MET B 84 20.35 23.35 -24.60
CA MET B 84 20.59 23.57 -23.18
C MET B 84 19.96 22.64 -22.17
N SER B 85 20.81 22.00 -21.37
CA SER B 85 20.38 21.10 -20.29
C SER B 85 20.09 21.99 -19.08
N ILE B 86 19.32 21.48 -18.12
CA ILE B 86 19.03 22.30 -16.95
C ILE B 86 20.34 22.70 -16.28
N GLN B 87 21.38 21.91 -16.49
CA GLN B 87 22.68 22.20 -15.91
C GLN B 87 23.36 23.36 -16.65
N ASN B 88 23.11 23.48 -17.96
CA ASN B 88 23.71 24.60 -18.72
C ASN B 88 23.12 25.90 -18.20
N ILE B 89 21.80 25.89 -18.01
CA ILE B 89 21.09 27.05 -17.52
C ILE B 89 21.63 27.39 -16.12
N ILE B 90 21.80 26.35 -15.29
CA ILE B 90 22.33 26.53 -13.95
C ILE B 90 23.72 27.18 -14.03
N ASP B 91 24.58 26.68 -14.90
CA ASP B 91 25.93 27.24 -15.04
C ASP B 91 25.92 28.69 -15.53
N ILE B 92 24.93 29.02 -16.36
CA ILE B 92 24.80 30.39 -16.85
C ILE B 92 24.39 31.32 -15.69
N TYR B 93 23.44 30.88 -14.86
CA TYR B 93 23.02 31.68 -13.71
C TYR B 93 24.24 31.89 -12.82
N GLU B 94 25.01 30.83 -12.64
CA GLU B 94 26.19 30.94 -11.81
C GLU B 94 27.16 31.96 -12.40
N HIS B 95 27.39 31.88 -13.71
CA HIS B 95 28.30 32.84 -14.34
C HIS B 95 27.78 34.30 -14.19
N ARG B 96 26.46 34.51 -14.17
CA ARG B 96 25.94 35.87 -14.00
C ARG B 96 25.99 36.29 -12.52
N GLY B 97 26.46 35.40 -11.66
CA GLY B 97 26.52 35.72 -10.25
C GLY B 97 25.24 35.58 -9.42
N VAL B 98 24.14 35.03 -9.94
CA VAL B 98 22.98 34.90 -9.06
C VAL B 98 23.30 33.78 -8.04
N PRO B 99 22.99 34.02 -6.76
CA PRO B 99 23.26 33.01 -5.75
C PRO B 99 22.43 31.73 -5.82
N LYS B 100 23.06 30.62 -5.43
CA LYS B 100 22.41 29.32 -5.40
C LYS B 100 21.76 29.15 -4.03
N TYR B 101 20.96 28.11 -3.88
CA TYR B 101 20.33 27.91 -2.58
C TYR B 101 21.40 27.67 -1.51
N ARG B 102 22.44 26.92 -1.85
CA ARG B 102 23.50 26.63 -0.88
C ARG B 102 24.27 27.91 -0.52
N ASP B 103 24.02 29.00 -1.25
CA ASP B 103 24.66 30.29 -0.97
C ASP B 103 23.76 31.06 -0.01
N ARG B 104 22.50 30.63 0.07
CA ARG B 104 21.48 31.26 0.89
C ARG B 104 21.22 30.57 2.25
N TYR B 105 21.58 29.28 2.37
CA TYR B 105 21.43 28.52 3.62
C TYR B 105 22.71 27.71 3.81
N SER B 106 22.94 27.16 5.00
CA SER B 106 24.18 26.41 5.24
C SER B 106 24.07 24.96 5.62
N GLU B 107 22.85 24.49 5.86
CA GLU B 107 22.64 23.10 6.23
C GLU B 107 21.37 22.58 5.60
N ALA B 108 21.40 21.29 5.26
CA ALA B 108 20.26 20.64 4.67
C ALA B 108 19.05 20.85 5.57
N TYR B 109 17.87 20.88 4.97
CA TYR B 109 16.61 21.07 5.68
C TYR B 109 15.87 19.75 5.45
N VAL B 110 15.39 19.12 6.53
CA VAL B 110 14.70 17.82 6.44
C VAL B 110 13.18 17.88 6.42
N ILE B 111 12.60 17.40 5.32
CA ILE B 111 11.17 17.40 5.09
C ILE B 111 10.63 15.98 5.21
N PHE B 112 9.54 15.84 5.95
CA PHE B 112 8.92 14.54 6.15
C PHE B 112 7.42 14.59 5.88
N ILE B 113 7.02 14.07 4.73
CA ILE B 113 5.63 14.01 4.36
C ILE B 113 5.09 12.71 4.96
N SER B 114 4.21 12.80 5.94
CA SER B 114 3.71 11.57 6.52
C SER B 114 2.28 11.57 6.96
N ASN B 115 1.77 10.35 7.09
CA ASN B 115 0.39 10.10 7.49
C ASN B 115 0.33 8.62 7.79
N LEU B 116 -0.38 8.24 8.85
CA LEU B 116 -0.50 6.84 9.21
C LEU B 116 -1.48 6.18 8.26
N LYS B 117 -2.36 6.99 7.70
CA LYS B 117 -3.31 6.49 6.73
C LYS B 117 -2.50 6.29 5.43
N GLY B 118 -2.53 5.07 4.89
CA GLY B 118 -1.81 4.79 3.66
C GLY B 118 -2.66 5.09 2.43
N GLY B 119 -2.04 5.02 1.25
CA GLY B 119 -2.73 5.30 -0.01
C GLY B 119 -3.11 6.75 -0.21
N VAL B 120 -2.66 7.61 0.71
CA VAL B 120 -2.99 9.03 0.67
C VAL B 120 -2.10 9.89 -0.23
N SER B 121 -1.12 9.25 -0.88
CA SER B 121 -0.20 9.94 -1.79
C SER B 121 1.10 10.42 -1.15
N LYS B 122 1.58 9.76 -0.10
CA LYS B 122 2.83 10.17 0.53
C LYS B 122 3.99 10.03 -0.44
N THR B 123 4.06 8.89 -1.12
CA THR B 123 5.17 8.66 -2.05
C THR B 123 5.15 9.54 -3.29
N VAL B 124 4.00 9.63 -3.95
CA VAL B 124 3.87 10.44 -5.15
C VAL B 124 4.09 11.93 -4.89
N SER B 125 3.69 12.41 -3.72
CA SER B 125 3.89 13.82 -3.36
C SER B 125 5.40 14.07 -3.13
N THR B 126 6.00 13.14 -2.39
CA THR B 126 7.41 13.23 -2.04
C THR B 126 8.27 13.21 -3.28
N VAL B 127 7.95 12.28 -4.16
CA VAL B 127 8.67 12.09 -5.39
C VAL B 127 8.44 13.26 -6.37
N SER B 128 7.19 13.65 -6.53
CA SER B 128 6.90 14.78 -7.40
C SER B 128 7.55 16.06 -6.83
N LEU B 129 7.50 16.23 -5.50
CA LEU B 129 8.11 17.39 -4.86
C LEU B 129 9.60 17.47 -5.24
N ALA B 130 10.34 16.38 -5.04
CA ALA B 130 11.77 16.35 -5.36
C ALA B 130 12.09 16.76 -6.80
N HIS B 131 11.58 16.01 -7.77
CA HIS B 131 11.82 16.30 -9.18
C HIS B 131 11.31 17.66 -9.61
N ALA B 132 10.07 17.97 -9.28
CA ALA B 132 9.47 19.25 -9.65
C ALA B 132 10.21 20.45 -9.04
N MET B 133 10.78 20.29 -7.85
CA MET B 133 11.50 21.38 -7.22
C MET B 133 12.84 21.61 -7.95
N ARG B 134 13.55 20.53 -8.21
CA ARG B 134 14.84 20.59 -8.92
C ARG B 134 14.71 21.23 -10.30
N ALA B 135 13.74 20.78 -11.09
CA ALA B 135 13.57 21.24 -12.46
C ALA B 135 12.56 22.35 -12.68
N HIS B 136 12.02 22.90 -11.60
CA HIS B 136 11.07 23.96 -11.73
C HIS B 136 11.72 25.15 -12.43
N PRO B 137 11.10 25.67 -13.50
CA PRO B 137 11.61 26.81 -14.28
C PRO B 137 12.07 28.00 -13.44
N HIS B 138 11.35 28.30 -12.37
CA HIS B 138 11.70 29.44 -11.52
C HIS B 138 12.63 29.09 -10.36
N LEU B 139 13.07 27.84 -10.33
CA LEU B 139 13.95 27.39 -9.26
C LEU B 139 15.29 26.88 -9.78
N LEU B 140 15.55 27.03 -11.07
CA LEU B 140 16.80 26.54 -11.64
C LEU B 140 17.98 27.31 -11.09
N MET B 141 17.84 28.62 -10.89
CA MET B 141 18.96 29.40 -10.35
C MET B 141 19.36 28.94 -8.94
N GLU B 142 18.46 28.19 -8.27
CA GLU B 142 18.75 27.68 -6.93
C GLU B 142 19.71 26.49 -6.98
N ASP B 143 19.81 25.84 -8.14
CA ASP B 143 20.71 24.69 -8.32
C ASP B 143 20.57 23.70 -7.16
N LEU B 144 19.33 23.30 -6.87
CA LEU B 144 19.04 22.38 -5.76
C LEU B 144 19.64 20.98 -5.82
N ARG B 145 20.00 20.49 -4.64
CA ARG B 145 20.56 19.18 -4.44
C ARG B 145 19.55 18.57 -3.46
N ILE B 146 18.88 17.52 -3.90
CA ILE B 146 17.86 16.90 -3.08
C ILE B 146 18.06 15.41 -2.93
N LEU B 147 17.91 14.96 -1.69
CA LEU B 147 18.06 13.55 -1.36
C LEU B 147 16.75 13.01 -0.82
N VAL B 148 16.32 11.87 -1.36
CA VAL B 148 15.11 11.21 -0.89
C VAL B 148 15.58 9.92 -0.24
N ILE B 149 15.34 9.82 1.06
CA ILE B 149 15.70 8.63 1.83
C ILE B 149 14.47 7.72 1.91
N ASP B 150 14.57 6.53 1.31
CA ASP B 150 13.45 5.59 1.31
C ASP B 150 13.57 4.65 2.50
N LEU B 151 12.59 4.71 3.41
CA LEU B 151 12.56 3.87 4.60
C LEU B 151 11.32 2.98 4.64
N ASP B 152 10.71 2.78 3.47
CA ASP B 152 9.53 1.93 3.37
C ASP B 152 9.95 0.66 2.64
N PRO B 153 9.91 -0.49 3.34
CA PRO B 153 10.31 -1.76 2.73
C PRO B 153 9.68 -2.00 1.36
N GLN B 154 8.54 -1.37 1.09
CA GLN B 154 7.86 -1.53 -0.19
C GLN B 154 8.67 -0.90 -1.32
N SER B 155 9.58 -0.02 -0.93
CA SER B 155 10.45 0.71 -1.84
C SER B 155 9.77 1.41 -3.02
N SER B 156 8.58 1.95 -2.81
CA SER B 156 7.91 2.66 -3.88
C SER B 156 8.67 3.91 -4.33
N ALA B 157 9.28 4.63 -3.37
CA ALA B 157 10.06 5.84 -3.71
C ALA B 157 11.25 5.45 -4.59
N THR B 158 11.99 4.43 -4.16
CA THR B 158 13.15 3.94 -4.88
C THR B 158 12.78 3.69 -6.35
N MET B 159 11.66 3.00 -6.55
CA MET B 159 11.16 2.67 -7.89
C MET B 159 10.78 3.87 -8.75
N PHE B 160 10.11 4.87 -8.19
CA PHE B 160 9.76 6.06 -8.98
C PHE B 160 11.04 6.81 -9.40
N LEU B 161 11.99 6.89 -8.47
CA LEU B 161 13.21 7.64 -8.71
C LEU B 161 14.29 7.07 -9.64
N SER B 162 14.41 5.75 -9.76
CA SER B 162 15.39 5.21 -10.70
C SER B 162 14.75 4.42 -11.87
N HIS B 163 15.59 3.72 -12.63
CA HIS B 163 15.13 2.92 -13.76
C HIS B 163 15.11 1.45 -13.32
N LYS B 164 14.08 0.72 -13.75
CA LYS B 164 13.91 -0.70 -13.41
C LYS B 164 15.17 -1.49 -13.82
N HIS B 165 15.87 -0.97 -14.83
CA HIS B 165 17.11 -1.56 -15.34
C HIS B 165 18.28 -0.67 -14.92
N SER B 166 18.13 -0.02 -13.77
CA SER B 166 19.16 0.88 -13.24
C SER B 166 19.47 0.51 -11.78
N ILE B 167 18.43 0.22 -11.00
CA ILE B 167 18.60 -0.15 -9.58
C ILE B 167 18.22 -1.59 -9.25
N GLY B 168 17.29 -2.17 -10.01
CA GLY B 168 16.87 -3.52 -9.76
C GLY B 168 16.68 -3.78 -8.28
N ILE B 169 17.39 -4.77 -7.75
CA ILE B 169 17.32 -5.13 -6.33
C ILE B 169 17.97 -4.04 -5.50
N VAL B 170 18.01 -4.24 -4.19
CA VAL B 170 18.62 -3.26 -3.34
C VAL B 170 19.30 -3.93 -2.15
N ASN B 171 20.61 -3.72 -2.06
CA ASN B 171 21.42 -4.30 -0.99
C ASN B 171 21.77 -3.26 0.08
N ALA B 172 22.41 -2.17 -0.34
CA ALA B 172 22.79 -1.10 0.57
C ALA B 172 21.59 -0.16 0.73
N THR B 173 20.79 -0.39 1.76
CA THR B 173 19.60 0.43 1.98
C THR B 173 19.77 1.45 3.06
N SER B 174 18.74 2.28 3.24
CA SER B 174 18.77 3.31 4.28
C SER B 174 18.78 2.65 5.65
N ALA B 175 17.94 1.63 5.81
CA ALA B 175 17.85 0.90 7.07
C ALA B 175 19.24 0.33 7.37
N GLN B 176 19.87 -0.22 6.33
CA GLN B 176 21.22 -0.76 6.48
C GLN B 176 22.21 0.36 6.90
N ALA B 177 22.10 1.53 6.29
CA ALA B 177 23.00 2.63 6.64
C ALA B 177 22.83 3.04 8.10
N MET B 178 21.59 3.05 8.59
CA MET B 178 21.30 3.42 9.97
C MET B 178 22.02 2.56 11.02
N LEU B 179 22.08 1.26 10.76
CA LEU B 179 22.71 0.31 11.67
C LEU B 179 24.22 0.19 11.54
N GLN B 180 24.74 0.33 10.31
CA GLN B 180 26.17 0.22 10.07
C GLN B 180 26.91 1.45 10.54
N ASN B 181 26.24 2.58 10.50
CA ASN B 181 26.84 3.82 10.97
C ASN B 181 28.17 4.08 10.28
N VAL B 182 28.13 4.25 8.96
CA VAL B 182 29.33 4.48 8.17
C VAL B 182 29.64 5.96 7.96
N SER B 183 30.76 6.21 7.28
CA SER B 183 31.21 7.58 7.04
C SER B 183 30.40 8.31 5.98
N ARG B 184 30.56 9.63 5.93
CA ARG B 184 29.88 10.45 4.95
C ARG B 184 30.34 10.02 3.57
N GLU B 185 31.63 9.73 3.46
CA GLU B 185 32.19 9.31 2.18
C GLU B 185 31.59 7.97 1.75
N GLU B 186 31.30 7.11 2.73
CA GLU B 186 30.73 5.82 2.39
C GLU B 186 29.26 5.97 2.02
N LEU B 187 28.54 6.83 2.73
CA LEU B 187 27.13 7.03 2.41
C LEU B 187 27.08 7.52 0.97
N LEU B 188 27.94 8.48 0.64
CA LEU B 188 27.96 9.05 -0.70
C LEU B 188 28.33 8.10 -1.82
N GLU B 189 29.30 7.23 -1.56
CA GLU B 189 29.77 6.31 -2.59
C GLU B 189 29.00 5.02 -2.73
N GLU B 190 28.66 4.41 -1.61
CA GLU B 190 28.00 3.12 -1.56
C GLU B 190 26.48 3.07 -1.34
N PHE B 191 25.94 4.05 -0.64
CA PHE B 191 24.52 4.01 -0.33
C PHE B 191 23.58 4.93 -1.06
N ILE B 192 24.10 5.95 -1.72
CA ILE B 192 23.27 6.90 -2.45
C ILE B 192 23.32 6.62 -3.94
N VAL B 193 22.15 6.63 -4.56
CA VAL B 193 22.05 6.34 -5.97
C VAL B 193 21.40 7.53 -6.65
N PRO B 194 21.76 7.79 -7.92
CA PRO B 194 21.14 8.93 -8.57
C PRO B 194 19.82 8.55 -9.23
N SER B 195 18.91 9.52 -9.33
CA SER B 195 17.62 9.28 -9.95
C SER B 195 17.71 9.73 -11.40
N VAL B 196 16.62 9.60 -12.12
CA VAL B 196 16.59 9.96 -13.52
C VAL B 196 16.81 11.45 -13.74
N VAL B 197 16.46 12.26 -12.75
CA VAL B 197 16.65 13.70 -12.86
C VAL B 197 17.89 14.08 -12.04
N PRO B 198 18.96 14.49 -12.73
CA PRO B 198 20.20 14.86 -12.04
C PRO B 198 19.95 15.97 -11.02
N GLY B 199 20.53 15.81 -9.83
CA GLY B 199 20.35 16.79 -8.79
C GLY B 199 19.49 16.18 -7.70
N VAL B 200 18.73 15.15 -8.05
CA VAL B 200 17.88 14.45 -7.08
C VAL B 200 18.37 13.01 -6.98
N ASP B 201 18.66 12.58 -5.76
CA ASP B 201 19.17 11.23 -5.52
C ASP B 201 18.30 10.47 -4.54
N VAL B 202 18.60 9.18 -4.43
CA VAL B 202 17.83 8.36 -3.53
C VAL B 202 18.67 7.35 -2.74
N MET B 203 18.37 7.25 -1.45
CA MET B 203 19.01 6.23 -0.62
C MET B 203 17.88 5.20 -0.63
N PRO B 204 18.08 4.07 -1.32
CA PRO B 204 17.13 2.97 -1.50
C PRO B 204 16.64 2.14 -0.32
N ALA B 205 15.54 1.45 -0.56
CA ALA B 205 14.93 0.58 0.42
C ALA B 205 14.76 -0.79 -0.24
N SER B 206 14.50 -1.78 0.58
CA SER B 206 14.34 -3.13 0.09
C SER B 206 13.36 -3.86 1.01
N ILE B 207 12.84 -4.98 0.54
CA ILE B 207 11.87 -5.74 1.32
C ILE B 207 12.52 -6.27 2.59
N ASP B 208 13.82 -6.54 2.51
CA ASP B 208 14.59 -7.04 3.64
C ASP B 208 14.62 -6.09 4.82
N ASP B 209 14.27 -4.83 4.58
CA ASP B 209 14.25 -3.85 5.64
C ASP B 209 13.07 -4.02 6.57
N ALA B 210 12.18 -4.95 6.23
CA ALA B 210 11.00 -5.22 7.06
C ALA B 210 11.44 -6.08 8.23
N PHE B 211 12.50 -6.85 8.01
CA PHE B 211 13.03 -7.71 9.05
C PHE B 211 13.83 -6.83 9.99
N ILE B 212 14.44 -5.77 9.45
CA ILE B 212 15.22 -4.84 10.28
C ILE B 212 14.29 -4.05 11.21
N ALA B 213 13.17 -3.58 10.67
CA ALA B 213 12.22 -2.83 11.46
C ALA B 213 11.66 -3.75 12.56
N SER B 214 11.39 -4.99 12.18
CA SER B 214 10.83 -5.98 13.10
C SER B 214 11.68 -6.23 14.35
N ASP B 215 13.00 -6.29 14.17
CA ASP B 215 13.92 -6.55 15.28
C ASP B 215 14.77 -5.33 15.63
N TRP B 216 14.20 -4.13 15.52
CA TRP B 216 14.96 -2.91 15.80
C TRP B 216 15.70 -2.92 17.14
N ARG B 217 15.00 -3.20 18.24
CA ARG B 217 15.68 -3.19 19.54
C ARG B 217 16.91 -4.10 19.64
N GLU B 218 16.76 -5.36 19.29
CA GLU B 218 17.86 -6.32 19.38
C GLU B 218 19.01 -5.92 18.47
N LEU B 219 18.68 -5.43 17.27
CA LEU B 219 19.70 -5.03 16.30
C LEU B 219 20.45 -3.76 16.74
N CYS B 220 19.76 -2.83 17.40
CA CYS B 220 20.40 -1.62 17.88
C CYS B 220 21.29 -1.95 19.07
N ASN B 221 20.86 -2.93 19.86
CA ASN B 221 21.65 -3.35 21.00
C ASN B 221 22.94 -4.02 20.56
N GLU B 222 22.86 -4.86 19.51
CA GLU B 222 24.04 -5.53 19.04
C GLU B 222 24.95 -4.70 18.13
N HIS B 223 24.38 -3.74 17.41
CA HIS B 223 25.21 -2.93 16.52
C HIS B 223 25.44 -1.50 16.96
N LEU B 224 24.52 -0.94 17.74
CA LEU B 224 24.67 0.46 18.17
C LEU B 224 24.46 0.64 19.66
N PRO B 225 25.18 -0.13 20.48
CA PRO B 225 25.09 -0.07 21.94
C PRO B 225 25.27 1.33 22.52
N GLY B 226 24.32 1.75 23.36
CA GLY B 226 24.38 3.04 23.99
C GLY B 226 23.65 4.15 23.24
N GLN B 227 23.37 3.93 21.96
CA GLN B 227 22.69 4.95 21.17
C GLN B 227 21.17 4.90 21.28
N ASN B 228 20.56 6.08 21.41
CA ASN B 228 19.10 6.16 21.51
C ASN B 228 18.45 5.64 20.22
N ILE B 229 17.65 4.60 20.36
CA ILE B 229 16.99 3.98 19.22
C ILE B 229 16.16 4.85 18.25
N HIS B 230 15.78 6.05 18.67
CA HIS B 230 15.00 6.95 17.80
C HIS B 230 15.86 8.00 17.08
N ALA B 231 17.12 8.14 17.49
CA ALA B 231 18.02 9.13 16.91
C ALA B 231 19.02 8.54 15.92
N VAL B 232 18.86 7.27 15.60
CA VAL B 232 19.78 6.59 14.70
C VAL B 232 19.86 7.20 13.30
N LEU B 233 18.70 7.53 12.73
CA LEU B 233 18.63 8.11 11.40
C LEU B 233 19.23 9.52 11.39
N LYS B 234 18.95 10.29 12.44
CA LYS B 234 19.45 11.65 12.56
C LYS B 234 20.96 11.70 12.71
N GLU B 235 21.48 10.91 13.63
CA GLU B 235 22.90 10.92 13.90
C GLU B 235 23.80 10.10 12.96
N ASN B 236 23.30 8.96 12.48
CA ASN B 236 24.14 8.10 11.66
C ASN B 236 24.05 8.33 10.17
N VAL B 237 23.07 9.10 9.74
CA VAL B 237 22.91 9.33 8.31
C VAL B 237 22.72 10.80 7.97
N ILE B 238 21.62 11.40 8.41
CA ILE B 238 21.39 12.79 8.06
C ILE B 238 22.47 13.77 8.51
N ASP B 239 22.81 13.77 9.79
CA ASP B 239 23.85 14.71 10.25
C ASP B 239 25.17 14.61 9.47
N LYS B 240 25.44 13.47 8.86
CA LYS B 240 26.67 13.34 8.09
C LYS B 240 26.54 13.86 6.65
N LEU B 241 25.33 14.17 6.22
CA LEU B 241 25.07 14.65 4.84
C LEU B 241 24.57 16.09 4.76
N LYS B 242 24.49 16.71 5.93
CA LYS B 242 24.04 18.07 6.15
C LYS B 242 24.59 19.11 5.14
N SER B 243 25.83 18.90 4.71
CA SER B 243 26.52 19.78 3.75
C SER B 243 26.41 19.36 2.30
N ASP B 244 25.90 18.15 2.07
CA ASP B 244 25.79 17.63 0.73
C ASP B 244 24.45 17.88 0.05
N TYR B 245 23.45 18.27 0.83
CA TYR B 245 22.13 18.50 0.26
C TYR B 245 21.43 19.76 0.77
N ASP B 246 20.58 20.34 -0.06
CA ASP B 246 19.82 21.53 0.34
C ASP B 246 18.56 21.03 1.04
N PHE B 247 17.94 19.99 0.46
CA PHE B 247 16.74 19.37 1.02
C PHE B 247 16.87 17.85 1.14
N ILE B 248 16.35 17.29 2.23
CA ILE B 248 16.39 15.84 2.40
C ILE B 248 14.97 15.39 2.74
N LEU B 249 14.40 14.55 1.89
CA LEU B 249 13.04 14.06 2.11
C LEU B 249 13.07 12.64 2.62
N VAL B 250 12.24 12.34 3.60
CA VAL B 250 12.16 11.01 4.16
C VAL B 250 10.81 10.39 3.84
N ASP B 251 10.81 9.18 3.29
CA ASP B 251 9.58 8.49 2.94
C ASP B 251 9.50 7.19 3.74
N SER B 252 8.39 7.01 4.43
CA SER B 252 8.19 5.85 5.26
C SER B 252 6.82 5.20 4.95
N GLY B 253 6.66 3.93 5.33
CA GLY B 253 5.40 3.24 5.12
C GLY B 253 4.43 3.67 6.20
N PRO B 254 3.11 3.35 6.10
CA PRO B 254 2.10 3.72 7.09
C PRO B 254 2.15 2.89 8.37
N HIS B 255 3.31 2.81 9.01
CA HIS B 255 3.43 2.02 10.21
C HIS B 255 4.02 2.85 11.33
N LEU B 256 3.51 2.61 12.52
CA LEU B 256 3.96 3.31 13.70
C LEU B 256 5.11 2.50 14.29
N ASP B 257 6.20 2.36 13.53
CA ASP B 257 7.35 1.61 14.00
C ASP B 257 8.62 2.47 14.17
N ALA B 258 9.77 1.81 14.24
CA ALA B 258 11.04 2.53 14.41
C ALA B 258 11.35 3.48 13.26
N PHE B 259 11.11 3.06 12.02
CA PHE B 259 11.40 3.92 10.88
C PHE B 259 10.59 5.22 10.95
N LEU B 260 9.30 5.10 11.26
CA LEU B 260 8.41 6.27 11.37
C LEU B 260 8.91 7.19 12.49
N LYS B 261 9.33 6.61 13.62
CA LYS B 261 9.81 7.41 14.74
C LYS B 261 11.14 8.10 14.48
N ASN B 262 12.06 7.41 13.80
CA ASN B 262 13.35 8.02 13.48
C ASN B 262 13.18 9.15 12.47
N ALA B 263 12.28 8.96 11.50
CA ALA B 263 12.03 10.01 10.50
C ALA B 263 11.57 11.27 11.22
N LEU B 264 10.61 11.12 12.13
CA LEU B 264 10.07 12.25 12.90
C LEU B 264 11.11 12.97 13.73
N ALA B 265 11.99 12.22 14.38
CA ALA B 265 13.02 12.82 15.21
C ALA B 265 14.04 13.57 14.38
N SER B 266 14.13 13.27 13.09
CA SER B 266 15.09 13.95 12.21
C SER B 266 14.47 15.09 11.40
N ALA B 267 13.15 15.16 11.35
CA ALA B 267 12.45 16.17 10.58
C ALA B 267 12.56 17.60 11.09
N ASN B 268 12.59 18.53 10.14
CA ASN B 268 12.64 19.97 10.40
C ASN B 268 11.22 20.50 10.27
N ILE B 269 10.45 19.82 9.43
CA ILE B 269 9.09 20.22 9.21
C ILE B 269 8.32 18.99 8.73
N LEU B 270 7.00 19.01 8.89
CA LEU B 270 6.16 17.90 8.47
C LEU B 270 5.06 18.37 7.55
N PHE B 271 4.77 17.56 6.55
CA PHE B 271 3.68 17.85 5.64
C PHE B 271 2.74 16.67 5.73
N THR B 272 1.46 16.97 5.89
CA THR B 272 0.46 15.93 5.98
C THR B 272 -0.50 15.93 4.81
N PRO B 273 -0.45 14.88 3.97
CA PRO B 273 -1.38 14.87 2.86
C PRO B 273 -2.76 14.44 3.40
N LEU B 274 -3.79 15.19 3.05
CA LEU B 274 -5.15 14.90 3.52
C LEU B 274 -6.06 14.49 2.37
N PRO B 275 -6.51 13.24 2.36
CA PRO B 275 -7.40 12.67 1.33
C PRO B 275 -8.83 13.19 1.45
N PRO B 276 -9.53 13.31 0.33
CA PRO B 276 -10.92 13.80 0.29
C PRO B 276 -11.96 12.77 0.78
N ALA B 277 -11.72 11.49 0.54
CA ALA B 277 -12.64 10.43 0.96
C ALA B 277 -12.91 10.51 2.45
N THR B 278 -14.16 10.78 2.80
CA THR B 278 -14.60 10.93 4.18
C THR B 278 -13.99 9.94 5.16
N VAL B 279 -13.86 8.67 4.76
CA VAL B 279 -13.27 7.65 5.62
C VAL B 279 -11.75 7.85 5.80
N ASP B 280 -11.09 8.23 4.70
CA ASP B 280 -9.65 8.48 4.70
C ASP B 280 -9.32 9.72 5.49
N PHE B 281 -10.12 10.76 5.27
CA PHE B 281 -9.95 12.03 5.95
C PHE B 281 -10.08 11.80 7.46
N HIS B 282 -11.12 11.10 7.84
CA HIS B 282 -11.34 10.81 9.25
C HIS B 282 -10.13 10.07 9.82
N SER B 283 -9.57 9.15 9.04
CA SER B 283 -8.40 8.43 9.53
C SER B 283 -7.21 9.38 9.68
N SER B 284 -7.06 10.31 8.72
CA SER B 284 -5.96 11.29 8.76
C SER B 284 -6.05 12.16 9.99
N LEU B 285 -7.26 12.59 10.34
CA LEU B 285 -7.45 13.42 11.50
C LEU B 285 -7.00 12.69 12.77
N LYS B 286 -7.27 11.39 12.86
CA LYS B 286 -6.83 10.63 14.04
C LYS B 286 -5.32 10.72 14.16
N TYR B 287 -4.64 10.71 13.01
CA TYR B 287 -3.18 10.80 12.99
C TYR B 287 -2.72 12.18 13.47
N VAL B 288 -3.35 13.23 12.96
CA VAL B 288 -3.00 14.58 13.34
C VAL B 288 -3.25 14.80 14.85
N ALA B 289 -4.31 14.20 15.37
CA ALA B 289 -4.64 14.34 16.81
C ALA B 289 -3.71 13.57 17.73
N ARG B 290 -2.88 12.71 17.18
CA ARG B 290 -1.98 11.93 18.02
C ARG B 290 -0.53 12.32 17.82
N LEU B 291 -0.28 13.25 16.90
CA LEU B 291 1.10 13.68 16.64
C LEU B 291 1.82 14.11 17.90
N PRO B 292 1.23 15.05 18.67
CA PRO B 292 1.88 15.50 19.91
C PRO B 292 2.20 14.33 20.83
N GLU B 293 1.28 13.39 20.95
CA GLU B 293 1.49 12.22 21.78
C GLU B 293 2.71 11.45 21.29
N LEU B 294 2.81 11.24 19.99
CA LEU B 294 3.95 10.52 19.42
C LEU B 294 5.25 11.26 19.68
N VAL B 295 5.22 12.58 19.50
CA VAL B 295 6.41 13.39 19.73
C VAL B 295 6.78 13.29 21.20
N LYS B 296 5.75 13.23 22.04
CA LYS B 296 5.96 13.13 23.48
C LYS B 296 6.59 11.79 23.85
N LEU B 297 6.16 10.74 23.16
CA LEU B 297 6.70 9.41 23.39
C LEU B 297 8.20 9.42 23.11
N ILE B 298 8.58 9.87 21.91
CA ILE B 298 9.98 9.91 21.50
C ILE B 298 10.79 10.68 22.53
N SER B 299 10.25 11.82 22.94
CA SER B 299 10.91 12.67 23.92
C SER B 299 11.10 11.93 25.23
N ASP B 300 10.00 11.49 25.84
CA ASP B 300 10.07 10.78 27.10
C ASP B 300 11.11 9.66 27.11
N GLU B 301 11.24 8.95 25.99
CA GLU B 301 12.20 7.87 25.96
C GLU B 301 13.52 8.14 25.29
N GLY B 302 14.00 9.38 25.37
CA GLY B 302 15.28 9.68 24.77
C GLY B 302 15.44 11.02 24.10
N CYS B 303 15.68 11.03 22.80
CA CYS B 303 15.90 12.28 22.07
C CYS B 303 14.66 13.15 21.86
N GLU B 304 14.94 14.42 21.55
CA GLU B 304 13.92 15.43 21.32
C GLU B 304 13.67 15.62 19.82
N CYS B 305 12.48 16.08 19.48
CA CYS B 305 12.13 16.33 18.08
C CYS B 305 12.21 17.83 17.83
N GLN B 306 12.82 18.23 16.72
CA GLN B 306 12.91 19.64 16.39
C GLN B 306 11.81 20.00 15.39
N LEU B 307 10.69 19.29 15.46
CA LEU B 307 9.58 19.54 14.55
C LEU B 307 8.99 20.92 14.67
N ALA B 308 9.22 21.75 13.66
CA ALA B 308 8.71 23.12 13.66
C ALA B 308 7.17 23.10 13.69
N THR B 309 6.60 22.87 12.51
CA THR B 309 5.16 22.85 12.34
C THR B 309 4.72 21.62 11.55
N ASN B 310 3.44 21.56 11.20
CA ASN B 310 2.90 20.46 10.41
C ASN B 310 1.99 21.11 9.39
N ILE B 311 2.43 21.14 8.13
CA ILE B 311 1.62 21.76 7.07
C ILE B 311 0.72 20.71 6.44
N GLY B 312 -0.54 21.08 6.21
CA GLY B 312 -1.45 20.13 5.61
C GLY B 312 -1.81 20.54 4.19
N PHE B 313 -2.05 19.56 3.33
CA PHE B 313 -2.47 19.82 1.95
C PHE B 313 -3.41 18.74 1.43
N MET B 314 -4.40 19.14 0.64
CA MET B 314 -5.36 18.18 0.09
C MET B 314 -4.64 17.40 -0.99
N SER B 315 -4.78 16.08 -0.96
CA SER B 315 -4.15 15.20 -1.94
C SER B 315 -5.23 14.45 -2.71
N LYS B 316 -5.09 14.41 -4.03
CA LYS B 316 -6.07 13.72 -4.89
C LYS B 316 -7.44 14.39 -4.83
N LEU B 317 -7.47 15.72 -4.78
CA LEU B 317 -8.72 16.46 -4.71
C LEU B 317 -9.40 16.56 -6.07
N SER B 318 -10.72 16.35 -6.09
CA SER B 318 -11.48 16.40 -7.34
C SER B 318 -12.45 17.56 -7.30
N ASN B 319 -13.14 17.75 -8.41
CA ASN B 319 -14.13 18.82 -8.56
C ASN B 319 -15.43 18.47 -7.83
N LYS B 320 -15.55 17.22 -7.41
CA LYS B 320 -16.73 16.74 -6.71
C LYS B 320 -17.07 17.66 -5.54
N ALA B 321 -18.36 17.78 -5.23
CA ALA B 321 -18.81 18.64 -4.13
C ALA B 321 -18.33 18.07 -2.81
N ASP B 322 -18.51 16.77 -2.63
CA ASP B 322 -18.10 16.07 -1.42
C ASP B 322 -16.70 16.52 -0.98
N HIS B 323 -15.79 16.52 -1.94
CA HIS B 323 -14.41 16.91 -1.73
C HIS B 323 -14.29 18.33 -1.19
N LYS B 324 -15.15 19.21 -1.69
CA LYS B 324 -15.10 20.59 -1.23
C LYS B 324 -15.48 20.71 0.25
N TYR B 325 -16.18 19.70 0.78
CA TYR B 325 -16.59 19.72 2.19
C TYR B 325 -15.39 19.44 3.08
N CYS B 326 -14.63 18.39 2.73
CA CYS B 326 -13.45 18.01 3.52
C CYS B 326 -12.46 19.15 3.50
N HIS B 327 -12.27 19.73 2.32
CA HIS B 327 -11.34 20.84 2.14
C HIS B 327 -11.63 21.92 3.20
N SER B 328 -12.91 22.22 3.40
CA SER B 328 -13.32 23.22 4.40
C SER B 328 -12.98 22.73 5.79
N LEU B 329 -13.39 21.48 6.08
CA LEU B 329 -13.10 20.90 7.38
C LEU B 329 -11.60 21.00 7.62
N ALA B 330 -10.81 20.54 6.66
CA ALA B 330 -9.35 20.58 6.77
C ALA B 330 -8.89 22.00 7.09
N LYS B 331 -9.48 23.00 6.42
CA LYS B 331 -9.12 24.39 6.68
C LYS B 331 -9.41 24.77 8.13
N GLU B 332 -10.53 24.30 8.68
CA GLU B 332 -10.87 24.59 10.08
C GLU B 332 -9.80 24.01 11.00
N VAL B 333 -9.39 22.77 10.71
CA VAL B 333 -8.39 22.09 11.52
C VAL B 333 -7.00 22.73 11.44
N PHE B 334 -6.44 22.79 10.24
CA PHE B 334 -5.10 23.36 10.05
C PHE B 334 -5.03 24.88 10.06
N GLY B 335 -6.12 25.51 9.62
CA GLY B 335 -6.15 26.96 9.60
C GLY B 335 -5.03 27.57 8.76
N GLY B 336 -4.11 28.26 9.45
CA GLY B 336 -2.99 28.92 8.79
C GLY B 336 -1.95 27.94 8.27
N ASP B 337 -1.81 26.82 8.95
CA ASP B 337 -0.85 25.81 8.54
C ASP B 337 -1.35 24.96 7.35
N MET B 338 -2.32 25.48 6.60
CA MET B 338 -2.80 24.77 5.42
C MET B 338 -2.01 25.36 4.26
N LEU B 339 -1.67 24.53 3.30
CA LEU B 339 -0.93 24.99 2.14
C LEU B 339 -1.92 25.69 1.21
N ASP B 340 -1.45 26.75 0.57
CA ASP B 340 -2.24 27.57 -0.34
C ASP B 340 -2.60 26.82 -1.62
N VAL B 341 -1.88 25.74 -1.87
CA VAL B 341 -2.07 24.93 -3.07
C VAL B 341 -2.33 23.48 -2.67
N PHE B 342 -3.01 22.72 -3.52
CA PHE B 342 -3.26 21.32 -3.21
C PHE B 342 -2.84 20.45 -4.40
N LEU B 343 -2.76 19.13 -4.19
CA LEU B 343 -2.40 18.22 -5.28
C LEU B 343 -3.69 17.64 -5.83
N PRO B 344 -4.08 18.07 -7.04
CA PRO B 344 -5.31 17.56 -7.63
C PRO B 344 -5.18 16.15 -8.22
N ARG B 345 -6.28 15.42 -8.25
CA ARG B 345 -6.32 14.06 -8.81
C ARG B 345 -6.35 14.22 -10.35
N LEU B 346 -5.35 13.67 -11.03
CA LEU B 346 -5.25 13.80 -12.48
C LEU B 346 -4.80 12.52 -13.17
N ASP B 347 -5.21 12.34 -14.43
CA ASP B 347 -4.82 11.15 -15.18
C ASP B 347 -3.31 11.03 -15.35
N GLY B 348 -2.63 12.17 -15.46
CA GLY B 348 -1.19 12.16 -15.64
C GLY B 348 -0.47 11.45 -14.51
N PHE B 349 -0.92 11.68 -13.28
CA PHE B 349 -0.35 11.06 -12.10
C PHE B 349 -0.61 9.57 -12.10
N GLU B 350 -1.80 9.18 -12.54
CA GLU B 350 -2.17 7.77 -12.59
C GLU B 350 -1.38 6.98 -13.62
N ARG B 351 -1.41 7.43 -14.87
CA ARG B 351 -0.71 6.76 -15.95
C ARG B 351 0.79 6.72 -15.69
N CYS B 352 1.31 7.76 -15.07
CA CYS B 352 2.73 7.82 -14.74
C CYS B 352 3.05 6.82 -13.63
N GLY B 353 2.23 6.80 -12.58
CA GLY B 353 2.45 5.88 -11.48
C GLY B 353 2.46 4.43 -11.93
N GLU B 354 1.71 4.14 -12.99
CA GLU B 354 1.63 2.80 -13.56
C GLU B 354 2.97 2.32 -14.09
N SER B 355 3.80 3.24 -14.59
CA SER B 355 5.11 2.86 -15.12
C SER B 355 6.24 3.32 -14.20
N PHE B 356 5.89 3.72 -12.97
CA PHE B 356 6.83 4.20 -11.98
C PHE B 356 7.69 5.38 -12.43
N ASP B 357 7.07 6.27 -13.18
CA ASP B 357 7.72 7.47 -13.70
C ASP B 357 7.14 8.63 -12.90
N THR B 358 7.82 9.76 -12.97
CA THR B 358 7.36 10.96 -12.31
C THR B 358 6.83 11.84 -13.43
N VAL B 359 5.83 12.67 -13.16
CA VAL B 359 5.34 13.53 -14.22
C VAL B 359 6.44 14.53 -14.66
N ILE B 360 7.58 14.52 -13.97
CA ILE B 360 8.69 15.39 -14.35
C ILE B 360 9.69 14.60 -15.21
N SER B 361 10.00 13.37 -14.82
CA SER B 361 10.93 12.55 -15.62
C SER B 361 10.28 11.93 -16.86
N ALA B 362 8.96 11.83 -16.89
CA ALA B 362 8.27 11.24 -18.04
C ALA B 362 8.37 12.09 -19.31
N ASN B 363 8.99 11.52 -20.34
CA ASN B 363 9.15 12.21 -21.61
C ASN B 363 7.77 12.26 -22.28
N PRO B 364 7.30 13.46 -22.59
CA PRO B 364 5.99 13.66 -23.23
C PRO B 364 5.86 12.91 -24.56
N ALA B 365 6.92 12.89 -25.36
CA ALA B 365 6.88 12.21 -26.66
C ALA B 365 6.53 10.73 -26.53
N THR B 366 6.93 10.17 -25.40
CA THR B 366 6.77 8.76 -25.09
C THR B 366 5.47 8.47 -24.35
N TYR B 367 4.94 9.49 -23.71
CA TYR B 367 3.73 9.32 -22.92
C TYR B 367 2.63 8.69 -23.75
N VAL B 368 2.18 7.52 -23.31
CA VAL B 368 1.11 6.78 -23.98
C VAL B 368 -0.21 7.25 -23.37
N GLY B 369 -0.67 8.40 -23.85
CA GLY B 369 -1.91 8.99 -23.36
C GLY B 369 -2.08 10.35 -24.00
N SER B 370 -2.77 11.23 -23.30
CA SER B 370 -3.00 12.58 -23.80
C SER B 370 -1.92 13.52 -23.28
N ALA B 371 -1.31 14.27 -24.19
CA ALA B 371 -0.27 15.21 -23.82
C ALA B 371 -0.80 16.17 -22.76
N ASP B 372 -2.06 16.56 -22.89
CA ASP B 372 -2.65 17.48 -21.93
C ASP B 372 -2.69 16.88 -20.53
N ALA B 373 -2.92 15.57 -20.45
CA ALA B 373 -2.96 14.90 -19.17
C ALA B 373 -1.60 15.06 -18.48
N LEU B 374 -0.54 14.70 -19.19
CA LEU B 374 0.82 14.80 -18.69
C LEU B 374 1.17 16.25 -18.40
N LYS B 375 0.85 17.14 -19.34
CA LYS B 375 1.13 18.57 -19.21
C LYS B 375 0.46 19.16 -17.97
N ASN B 376 -0.80 18.80 -17.74
CA ASN B 376 -1.53 19.30 -16.57
C ASN B 376 -0.99 18.71 -15.29
N ALA B 377 -0.50 17.49 -15.35
CA ALA B 377 0.04 16.85 -14.17
C ALA B 377 1.32 17.58 -13.79
N ARG B 378 2.20 17.81 -14.77
CA ARG B 378 3.47 18.48 -14.53
C ARG B 378 3.26 19.85 -13.91
N ILE B 379 2.35 20.63 -14.51
CA ILE B 379 2.07 21.97 -14.01
C ILE B 379 1.60 21.88 -12.55
N ALA B 380 0.62 21.01 -12.30
CA ALA B 380 0.10 20.86 -10.94
C ALA B 380 1.23 20.49 -10.01
N ALA B 381 2.11 19.61 -10.47
CA ALA B 381 3.24 19.21 -9.66
C ALA B 381 4.19 20.40 -9.40
N GLU B 382 4.41 21.21 -10.42
CA GLU B 382 5.28 22.36 -10.30
C GLU B 382 4.73 23.43 -9.35
N ASP B 383 3.41 23.65 -9.41
CA ASP B 383 2.80 24.65 -8.54
C ASP B 383 2.83 24.17 -7.09
N PHE B 384 2.71 22.86 -6.90
CA PHE B 384 2.75 22.29 -5.56
C PHE B 384 4.17 22.47 -5.02
N ALA B 385 5.17 22.16 -5.84
CA ALA B 385 6.56 22.26 -5.44
C ALA B 385 6.97 23.71 -5.11
N LYS B 386 6.52 24.66 -5.93
CA LYS B 386 6.84 26.07 -5.71
C LYS B 386 6.19 26.54 -4.42
N ALA B 387 5.00 26.04 -4.15
CA ALA B 387 4.27 26.39 -2.93
C ALA B 387 5.00 25.85 -1.70
N VAL B 388 5.48 24.60 -1.77
CA VAL B 388 6.21 24.04 -0.65
C VAL B 388 7.51 24.82 -0.47
N PHE B 389 8.20 25.09 -1.58
CA PHE B 389 9.43 25.85 -1.54
C PHE B 389 9.20 27.23 -0.95
N ASP B 390 8.22 27.96 -1.48
CA ASP B 390 7.94 29.30 -0.97
C ASP B 390 7.58 29.27 0.50
N ARG B 391 6.88 28.24 0.94
CA ARG B 391 6.52 28.20 2.34
C ARG B 391 7.73 27.95 3.22
N ILE B 392 8.61 27.05 2.79
CA ILE B 392 9.80 26.76 3.57
C ILE B 392 10.65 28.04 3.67
N GLU B 393 10.71 28.80 2.58
CA GLU B 393 11.50 30.02 2.53
C GLU B 393 11.03 31.03 3.59
N PHE B 394 9.72 31.21 3.69
CA PHE B 394 9.14 32.12 4.68
C PHE B 394 9.45 31.66 6.11
N ILE B 395 9.36 30.35 6.35
CA ILE B 395 9.63 29.81 7.67
C ILE B 395 11.11 29.92 8.02
N ARG B 396 11.96 29.63 7.04
CA ARG B 396 13.40 29.62 7.24
C ARG B 396 14.05 31.01 7.45
N SER B 397 13.64 32.01 6.67
CA SER B 397 14.23 33.33 6.82
C SER B 397 13.58 34.12 7.94
N ASN B 398 12.45 33.64 8.43
CA ASN B 398 11.72 34.30 9.52
C ASN B 398 11.73 33.49 10.81
PB ADP C . -2.25 -6.08 -0.84
O1B ADP C . -1.18 -6.49 -1.74
O2B ADP C . -3.40 -6.71 -0.21
O3B ADP C . -2.06 -4.48 -0.43
PA ADP C . -4.61 -5.22 -2.63
O1A ADP C . -5.59 -6.36 -2.55
O2A ADP C . -4.92 -4.00 -1.85
O3A ADP C . -3.08 -5.72 -2.19
O5' ADP C . -4.51 -5.00 -4.17
C5' ADP C . -3.69 -3.95 -4.74
C4' ADP C . -4.44 -3.09 -5.78
O4' ADP C . -4.61 -3.90 -6.97
C3' ADP C . -5.91 -2.63 -5.47
O3' ADP C . -6.08 -1.22 -5.84
C2' ADP C . -6.77 -3.57 -6.24
O2' ADP C . -7.98 -2.92 -6.68
C1' ADP C . -5.98 -4.04 -7.42
N9 ADP C . -6.04 -5.48 -7.82
C8 ADP C . -5.82 -6.63 -7.09
N7 ADP C . -5.95 -7.74 -7.75
C5 ADP C . -6.30 -7.30 -9.01
C6 ADP C . -6.60 -7.99 -10.25
N6 ADP C . -6.57 -9.33 -10.29
N1 ADP C . -6.93 -7.23 -11.39
C2 ADP C . -6.95 -5.86 -11.33
N3 ADP C . -6.69 -5.09 -10.22
C4 ADP C . -6.36 -5.89 -9.08
MG MG D . -3.73 -6.21 2.72
PB ADP E . 1.12 6.27 -0.02
O1B ADP E . -0.20 6.66 0.43
O2B ADP E . 2.38 6.96 -0.27
O3B ADP E . 1.19 4.64 -0.27
PA ADP E . 1.03 6.69 -3.06
O1A ADP E . 1.89 7.87 -3.34
O2A ADP E . 1.55 5.36 -3.42
O3A ADP E . 0.54 6.61 -1.48
O5' ADP E . -0.32 7.04 -3.82
C5' ADP E . -1.46 6.12 -3.84
C4' ADP E . -1.92 5.77 -5.27
O4' ADP E . -2.54 6.95 -5.82
C3' ADP E . -0.85 5.40 -6.33
O3' ADP E . -1.29 4.26 -7.10
C2' ADP E . -0.66 6.66 -7.10
O2' ADP E . -0.27 6.39 -8.45
C1' ADP E . -1.96 7.41 -7.07
N9 ADP E . -1.93 8.90 -6.91
C8 ADP E . -1.29 9.72 -6.00
N7 ADP E . -1.50 10.99 -6.14
C5 ADP E . -2.36 11.02 -7.24
C6 ADP E . -3.02 12.07 -7.95
N6 ADP E . -2.87 13.35 -7.58
N1 ADP E . -3.84 11.75 -9.03
C2 ADP E . -4.02 10.44 -9.42
N3 ADP E . -3.46 9.35 -8.81
C4 ADP E . -2.63 9.72 -7.72
MG MG F . 4.47 5.25 0.68
#